data_1P4A
#
_entry.id   1P4A
#
_cell.length_a   58.371
_cell.length_b   135.718
_cell.length_c   82.071
_cell.angle_alpha   90.00
_cell.angle_beta   95.10
_cell.angle_gamma   90.00
#
_symmetry.space_group_name_H-M   'P 1 21 1'
#
loop_
_entity.id
_entity.type
_entity.pdbx_description
1 polymer 'Pur operon repressor'
2 non-polymer 1-ALPHA-PYROPHOSPHORYL-2-ALPHA,3-ALPHA-DIHYDROXY-4-BETA-CYCLOPENTANE-METHANOL-5-PHOSPHATE
3 water water
#
_entity_poly.entity_id   1
_entity_poly.type   'polypeptide(L)'
_entity_poly.pdbx_seq_one_letter_code
;MKFRRSGRLVDLTNYLLTHPHELIPLTFFSERYESAKSSISEDLTIIKQTFEQQGIGTLLTVPGAAGGVKYIPKMKQAEA
EEFVQTLGQSLANPERILPGGYVYLTDILGKPSVLSKVGKLFASVFAEREIDVVMTVATKGIPLAYAAASYLNVPVVIVR
KDNKVTEGSTVSINYVSGSSNRIQTMSLAKRSMKTGSNVLIIDDFMKAGGTINGMINLLDEFNANVAGIGVLVEAEGVDE
RLVDEYMSLLTLSTINMKEKSIEIQNGNFLRFFKDNLLKNGETES
;
_entity_poly.pdbx_strand_id   A,B,C,D
#
# COMPACT_ATOMS: atom_id res chain seq x y z
N LYS A 2 -37.94 3.80 0.20
CA LYS A 2 -38.20 2.43 -0.35
C LYS A 2 -37.12 2.04 -1.36
N PHE A 3 -37.52 1.41 -2.45
CA PHE A 3 -36.59 1.08 -3.52
C PHE A 3 -37.07 1.71 -4.82
N ARG A 4 -36.19 2.43 -5.53
CA ARG A 4 -36.45 2.72 -6.94
C ARG A 4 -36.26 1.40 -7.65
N ARG A 5 -36.79 1.28 -8.85
CA ARG A 5 -36.70 0.01 -9.58
C ARG A 5 -35.26 -0.45 -9.79
N SER A 6 -34.37 0.49 -10.08
CA SER A 6 -32.97 0.19 -10.30
C SER A 6 -32.34 -0.54 -9.08
N GLY A 7 -32.51 0.05 -7.90
CA GLY A 7 -32.04 -0.56 -6.68
C GLY A 7 -32.71 -1.90 -6.45
N ARG A 8 -33.96 -2.01 -6.90
CA ARG A 8 -34.66 -3.28 -6.77
C ARG A 8 -34.01 -4.36 -7.64
N LEU A 9 -33.67 -4.05 -8.88
CA LEU A 9 -32.97 -5.03 -9.71
C LEU A 9 -31.65 -5.48 -9.08
N VAL A 10 -30.90 -4.55 -8.51
CA VAL A 10 -29.62 -4.87 -7.88
C VAL A 10 -29.85 -5.74 -6.64
N ASP A 11 -30.73 -5.30 -5.76
CA ASP A 11 -30.95 -6.08 -4.54
C ASP A 11 -31.46 -7.49 -4.83
N LEU A 12 -32.38 -7.59 -5.78
CA LEU A 12 -32.96 -8.86 -6.18
C LEU A 12 -31.87 -9.80 -6.69
N THR A 13 -31.01 -9.28 -7.56
CA THR A 13 -29.91 -10.06 -8.10
C THR A 13 -29.06 -10.58 -6.93
N ASN A 14 -28.73 -9.69 -6.01
CA ASN A 14 -27.91 -10.08 -4.88
C ASN A 14 -28.58 -11.17 -4.08
N TYR A 15 -29.87 -10.98 -3.85
CA TYR A 15 -30.62 -11.92 -3.01
C TYR A 15 -30.68 -13.31 -3.63
N LEU A 16 -30.94 -13.37 -4.94
CA LEU A 16 -31.02 -14.65 -5.63
C LEU A 16 -29.65 -15.35 -5.61
N LEU A 17 -28.60 -14.58 -5.91
CA LEU A 17 -27.25 -15.13 -5.94
C LEU A 17 -26.81 -15.69 -4.58
N THR A 18 -27.26 -15.08 -3.49
CA THR A 18 -26.86 -15.56 -2.19
C THR A 18 -27.90 -16.54 -1.63
N HIS A 19 -28.95 -16.84 -2.39
CA HIS A 19 -29.91 -17.86 -1.94
C HIS A 19 -30.16 -18.91 -3.03
N PRO A 20 -29.10 -19.57 -3.50
CA PRO A 20 -29.26 -20.56 -4.56
C PRO A 20 -30.05 -21.81 -4.11
N HIS A 21 -30.79 -22.45 -5.03
CA HIS A 21 -31.52 -23.67 -4.68
C HIS A 21 -32.51 -23.50 -3.50
N GLU A 22 -33.08 -22.31 -3.37
CA GLU A 22 -34.18 -22.07 -2.43
C GLU A 22 -35.37 -21.52 -3.20
N LEU A 23 -36.54 -22.10 -2.94
CA LEU A 23 -37.77 -21.56 -3.49
C LEU A 23 -38.10 -20.27 -2.73
N ILE A 24 -38.14 -19.14 -3.43
CA ILE A 24 -38.49 -17.88 -2.79
C ILE A 24 -39.83 -17.43 -3.33
N PRO A 25 -40.81 -17.37 -2.43
CA PRO A 25 -42.18 -17.05 -2.83
C PRO A 25 -42.24 -15.63 -3.36
N LEU A 26 -43.04 -15.44 -4.39
CA LEU A 26 -43.23 -14.12 -4.96
C LEU A 26 -43.70 -13.14 -3.89
N THR A 27 -44.51 -13.62 -2.94
CA THR A 27 -45.03 -12.73 -1.89
C THR A 27 -43.89 -12.19 -1.03
N PHE A 28 -42.84 -12.98 -0.83
CA PHE A 28 -41.68 -12.51 -0.06
C PHE A 28 -41.10 -11.25 -0.69
N PHE A 29 -40.92 -11.28 -2.01
CA PHE A 29 -40.37 -10.12 -2.74
C PHE A 29 -41.31 -8.93 -2.79
N SER A 30 -42.59 -9.21 -2.99
CA SER A 30 -43.61 -8.17 -3.03
C SER A 30 -43.62 -7.36 -1.73
N GLU A 31 -43.61 -8.07 -0.60
CA GLU A 31 -43.55 -7.45 0.72
C GLU A 31 -42.21 -6.76 0.98
N ARG A 32 -41.12 -7.37 0.54
CA ARG A 32 -39.80 -6.80 0.73
C ARG A 32 -39.64 -5.45 -0.02
N TYR A 33 -40.17 -5.36 -1.22
CA TYR A 33 -40.00 -4.15 -2.02
C TYR A 33 -41.22 -3.26 -2.03
N GLU A 34 -42.26 -3.66 -1.30
CA GLU A 34 -43.51 -2.90 -1.29
C GLU A 34 -44.00 -2.66 -2.72
N SER A 35 -43.92 -3.71 -3.53
CA SER A 35 -44.28 -3.60 -4.94
C SER A 35 -45.20 -4.75 -5.32
N ALA A 36 -45.96 -4.56 -6.39
CA ALA A 36 -46.90 -5.56 -6.86
C ALA A 36 -46.14 -6.77 -7.41
N LYS A 37 -46.73 -7.94 -7.25
CA LYS A 37 -46.12 -9.17 -7.69
C LYS A 37 -45.91 -9.14 -9.19
N SER A 38 -46.84 -8.53 -9.93
CA SER A 38 -46.70 -8.40 -11.36
C SER A 38 -45.53 -7.47 -11.75
N SER A 39 -45.22 -6.48 -10.91
CA SER A 39 -44.00 -5.67 -11.16
C SER A 39 -42.73 -6.48 -10.86
N ILE A 40 -42.76 -7.28 -9.79
CA ILE A 40 -41.61 -8.12 -9.47
C ILE A 40 -41.35 -9.15 -10.60
N SER A 41 -42.42 -9.68 -11.19
CA SER A 41 -42.30 -10.72 -12.22
C SER A 41 -41.58 -10.21 -13.45
N GLU A 42 -41.82 -8.94 -13.78
CA GLU A 42 -41.12 -8.30 -14.89
C GLU A 42 -39.63 -8.16 -14.59
N ASP A 43 -39.27 -7.78 -13.37
CA ASP A 43 -37.87 -7.72 -12.95
C ASP A 43 -37.20 -9.10 -13.05
N LEU A 44 -37.90 -10.14 -12.64
CA LEU A 44 -37.37 -11.48 -12.62
C LEU A 44 -37.18 -12.00 -14.04
N THR A 45 -38.02 -11.55 -14.97
CA THR A 45 -37.84 -11.90 -16.38
C THR A 45 -36.53 -11.33 -16.93
N ILE A 46 -36.19 -10.11 -16.53
CA ILE A 46 -34.91 -9.50 -16.94
C ILE A 46 -33.74 -10.24 -16.30
N ILE A 47 -33.84 -10.54 -15.01
CA ILE A 47 -32.78 -11.31 -14.38
C ILE A 47 -32.62 -12.70 -15.00
N LYS A 48 -33.74 -13.40 -15.22
CA LYS A 48 -33.69 -14.73 -15.84
C LYS A 48 -32.98 -14.69 -17.20
N GLN A 49 -33.33 -13.71 -18.03
CA GLN A 49 -32.74 -13.61 -19.37
C GLN A 49 -31.26 -13.25 -19.32
N THR A 50 -30.89 -12.34 -18.42
CA THR A 50 -29.48 -11.98 -18.22
C THR A 50 -28.69 -13.16 -17.64
N PHE A 51 -29.24 -13.82 -16.63
CA PHE A 51 -28.58 -14.97 -16.00
C PHE A 51 -28.22 -16.08 -17.02
N GLU A 52 -29.14 -16.31 -17.96
CA GLU A 52 -28.97 -17.33 -19.01
C GLU A 52 -27.93 -16.89 -20.06
N GLN A 53 -28.05 -15.68 -20.57
CA GLN A 53 -27.12 -15.16 -21.58
C GLN A 53 -25.68 -15.03 -21.08
N GLN A 54 -25.53 -14.75 -19.79
CA GLN A 54 -24.20 -14.59 -19.23
C GLN A 54 -23.64 -15.87 -18.62
N GLY A 55 -24.38 -16.96 -18.73
CA GLY A 55 -23.90 -18.22 -18.18
C GLY A 55 -23.83 -18.23 -16.65
N ILE A 56 -24.72 -17.47 -16.01
CA ILE A 56 -24.74 -17.41 -14.56
C ILE A 56 -25.55 -18.57 -13.99
N GLY A 57 -26.74 -18.80 -14.55
CA GLY A 57 -27.54 -19.94 -14.17
C GLY A 57 -28.97 -19.80 -14.62
N THR A 58 -29.83 -20.61 -14.02
CA THR A 58 -31.23 -20.70 -14.40
C THR A 58 -32.12 -20.09 -13.30
N LEU A 59 -32.99 -19.18 -13.69
CA LEU A 59 -33.97 -18.70 -12.75
C LEU A 59 -35.26 -19.43 -13.05
N LEU A 60 -35.63 -20.34 -12.16
CA LEU A 60 -36.77 -21.20 -12.35
C LEU A 60 -38.01 -20.56 -11.77
N THR A 61 -39.08 -20.50 -12.56
CA THR A 61 -40.37 -20.00 -12.11
C THR A 61 -41.26 -21.17 -11.72
N VAL A 62 -41.79 -21.13 -10.51
CA VAL A 62 -42.74 -22.15 -10.06
C VAL A 62 -44.08 -21.46 -9.99
N PRO A 63 -45.02 -21.87 -10.85
CA PRO A 63 -46.30 -21.16 -10.97
C PRO A 63 -47.19 -21.42 -9.77
N GLY A 64 -48.20 -20.58 -9.58
CA GLY A 64 -49.22 -20.82 -8.59
C GLY A 64 -49.24 -19.77 -7.52
N ALA A 65 -50.35 -19.73 -6.79
CA ALA A 65 -50.57 -18.71 -5.76
C ALA A 65 -49.50 -18.73 -4.68
N ALA A 66 -48.96 -19.91 -4.40
CA ALA A 66 -47.92 -20.02 -3.39
C ALA A 66 -46.56 -20.25 -4.03
N GLY A 67 -46.43 -19.84 -5.29
CA GLY A 67 -45.21 -20.06 -6.04
C GLY A 67 -44.23 -18.92 -5.92
N GLY A 68 -43.20 -18.97 -6.74
CA GLY A 68 -42.13 -17.99 -6.70
C GLY A 68 -41.02 -18.46 -7.61
N VAL A 69 -39.79 -18.20 -7.23
CA VAL A 69 -38.66 -18.49 -8.09
C VAL A 69 -37.56 -19.20 -7.34
N LYS A 70 -36.72 -19.89 -8.09
CA LYS A 70 -35.58 -20.58 -7.54
C LYS A 70 -34.43 -20.37 -8.49
N TYR A 71 -33.33 -19.82 -7.98
CA TYR A 71 -32.14 -19.62 -8.77
C TYR A 71 -31.26 -20.88 -8.72
N ILE A 72 -30.90 -21.41 -9.89
CA ILE A 72 -30.07 -22.61 -9.99
C ILE A 72 -28.75 -22.25 -10.67
N PRO A 73 -27.64 -22.25 -9.94
CA PRO A 73 -26.35 -22.01 -10.56
C PRO A 73 -26.09 -23.09 -11.62
N LYS A 74 -25.69 -22.69 -12.82
CA LYS A 74 -25.33 -23.63 -13.88
C LYS A 74 -24.13 -23.08 -14.60
N MET A 75 -23.28 -23.96 -15.10
CA MET A 75 -22.15 -23.53 -15.90
C MET A 75 -22.33 -24.13 -17.29
N LYS A 76 -22.20 -23.30 -18.32
CA LYS A 76 -22.30 -23.76 -19.71
C LYS A 76 -21.16 -24.71 -20.06
N GLN A 77 -21.43 -25.67 -20.94
CA GLN A 77 -20.40 -26.62 -21.32
C GLN A 77 -19.14 -25.93 -21.85
N ALA A 78 -19.34 -24.85 -22.61
CA ALA A 78 -18.22 -24.13 -23.22
C ALA A 78 -17.28 -23.58 -22.16
N GLU A 79 -17.84 -22.98 -21.11
CA GLU A 79 -17.01 -22.48 -20.02
C GLU A 79 -16.34 -23.62 -19.23
N ALA A 80 -17.06 -24.72 -19.04
CA ALA A 80 -16.50 -25.84 -18.30
C ALA A 80 -15.29 -26.39 -19.04
N GLU A 81 -15.44 -26.55 -20.35
CA GLU A 81 -14.36 -27.05 -21.20
C GLU A 81 -13.16 -26.12 -21.16
N GLU A 82 -13.40 -24.82 -21.32
CA GLU A 82 -12.33 -23.83 -21.23
C GLU A 82 -11.68 -23.85 -19.86
N PHE A 83 -12.48 -23.83 -18.81
CA PHE A 83 -11.92 -23.82 -17.47
C PHE A 83 -11.03 -25.04 -17.16
N VAL A 84 -11.51 -26.22 -17.50
CA VAL A 84 -10.78 -27.44 -17.26
C VAL A 84 -9.46 -27.49 -18.05
N GLN A 85 -9.47 -27.00 -19.29
CA GLN A 85 -8.23 -26.94 -20.08
C GLN A 85 -7.17 -26.05 -19.42
N THR A 86 -7.57 -24.83 -19.09
CA THR A 86 -6.72 -23.88 -18.37
C THR A 86 -6.16 -24.47 -17.06
N LEU A 87 -7.03 -25.08 -16.28
CA LEU A 87 -6.60 -25.68 -15.04
C LEU A 87 -5.62 -26.82 -15.29
N GLY A 88 -5.94 -27.67 -16.28
CA GLY A 88 -5.05 -28.75 -16.66
C GLY A 88 -3.66 -28.27 -17.03
N GLN A 89 -3.60 -27.11 -17.67
CA GLN A 89 -2.33 -26.54 -18.10
C GLN A 89 -1.53 -26.00 -16.91
N SER A 90 -2.24 -25.50 -15.90
CA SER A 90 -1.57 -25.03 -14.70
C SER A 90 -0.97 -26.23 -13.94
N LEU A 91 -1.75 -27.29 -13.83
CA LEU A 91 -1.33 -28.57 -13.27
C LEU A 91 -0.10 -29.20 -13.96
N ALA A 92 0.07 -28.95 -15.26
CA ALA A 92 1.18 -29.55 -16.01
C ALA A 92 2.53 -28.86 -15.80
N ASN A 93 2.52 -27.65 -15.22
CA ASN A 93 3.75 -26.92 -14.91
C ASN A 93 4.80 -27.81 -14.22
N PRO A 94 5.96 -27.93 -14.84
CA PRO A 94 7.04 -28.81 -14.34
C PRO A 94 7.42 -28.49 -12.90
N GLU A 95 7.37 -27.22 -12.54
CA GLU A 95 7.72 -26.77 -11.18
C GLU A 95 6.92 -27.47 -10.08
N ARG A 96 5.85 -28.16 -10.45
CA ARG A 96 5.02 -28.87 -9.47
C ARG A 96 5.53 -30.27 -9.15
N ILE A 97 6.58 -30.69 -9.84
CA ILE A 97 7.15 -32.02 -9.57
C ILE A 97 7.92 -31.99 -8.27
N LEU A 98 7.61 -32.92 -7.38
CA LEU A 98 8.36 -33.09 -6.14
C LEU A 98 8.99 -34.47 -6.12
N PRO A 99 10.11 -34.63 -5.41
CA PRO A 99 10.65 -35.96 -5.15
C PRO A 99 9.69 -36.71 -4.23
N GLY A 100 9.27 -37.91 -4.60
CA GLY A 100 8.36 -38.69 -3.77
C GLY A 100 6.89 -38.52 -4.13
N GLY A 101 6.09 -38.05 -3.17
CA GLY A 101 4.67 -37.79 -3.38
C GLY A 101 4.38 -37.43 -4.83
N TYR A 102 5.02 -36.36 -5.30
CA TYR A 102 5.24 -36.13 -6.73
C TYR A 102 4.73 -34.81 -7.32
N VAL A 103 3.42 -34.54 -7.22
CA VAL A 103 2.82 -33.34 -7.82
C VAL A 103 2.16 -32.38 -6.82
N TYR A 104 2.77 -31.22 -6.64
CA TYR A 104 2.27 -30.19 -5.72
C TYR A 104 0.94 -29.59 -6.21
N LEU A 105 -0.14 -29.88 -5.49
CA LEU A 105 -1.48 -29.40 -5.85
C LEU A 105 -2.04 -28.39 -4.86
N THR A 106 -1.32 -28.16 -3.77
CA THR A 106 -1.83 -27.41 -2.61
C THR A 106 -2.30 -25.96 -2.87
N ASP A 107 -1.54 -25.21 -3.66
CA ASP A 107 -1.96 -23.84 -3.93
C ASP A 107 -3.30 -23.85 -4.67
N ILE A 108 -3.42 -24.73 -5.67
CA ILE A 108 -4.65 -24.86 -6.44
C ILE A 108 -5.85 -25.17 -5.54
N LEU A 109 -5.65 -26.10 -4.61
CA LEU A 109 -6.73 -26.47 -3.69
C LEU A 109 -7.10 -25.37 -2.70
N GLY A 110 -6.33 -24.29 -2.67
CA GLY A 110 -6.59 -23.21 -1.74
C GLY A 110 -6.97 -21.88 -2.40
N LYS A 111 -6.98 -21.83 -3.73
CA LYS A 111 -7.24 -20.58 -4.43
C LYS A 111 -8.73 -20.34 -4.67
N PRO A 112 -9.25 -19.22 -4.21
CA PRO A 112 -10.70 -18.98 -4.21
C PRO A 112 -11.26 -18.89 -5.62
N SER A 113 -10.51 -18.32 -6.56
CA SER A 113 -10.99 -18.24 -7.92
C SER A 113 -11.16 -19.63 -8.52
N VAL A 114 -10.23 -20.52 -8.24
CA VAL A 114 -10.32 -21.89 -8.69
C VAL A 114 -11.43 -22.64 -7.94
N LEU A 115 -11.44 -22.53 -6.61
CA LEU A 115 -12.43 -23.20 -5.80
C LEU A 115 -13.86 -22.82 -6.19
N SER A 116 -14.09 -21.54 -6.42
CA SER A 116 -15.42 -21.08 -6.84
C SER A 116 -15.86 -21.73 -8.17
N LYS A 117 -14.96 -21.80 -9.15
CA LYS A 117 -15.21 -22.42 -10.46
C LYS A 117 -15.47 -23.92 -10.37
N VAL A 118 -14.62 -24.65 -9.67
CA VAL A 118 -14.80 -26.08 -9.55
C VAL A 118 -16.11 -26.37 -8.79
N GLY A 119 -16.36 -25.61 -7.72
CA GLY A 119 -17.58 -25.77 -6.94
C GLY A 119 -18.84 -25.59 -7.77
N LYS A 120 -18.82 -24.54 -8.59
CA LYS A 120 -19.91 -24.25 -9.49
C LYS A 120 -20.06 -25.34 -10.54
N LEU A 121 -18.96 -25.87 -11.02
CA LEU A 121 -19.04 -26.92 -12.02
C LEU A 121 -19.72 -28.15 -11.42
N PHE A 122 -19.25 -28.57 -10.25
CA PHE A 122 -19.86 -29.67 -9.50
C PHE A 122 -21.32 -29.42 -9.21
N ALA A 123 -21.66 -28.19 -8.77
CA ALA A 123 -23.05 -27.83 -8.46
C ALA A 123 -23.96 -27.86 -9.71
N SER A 124 -23.41 -27.46 -10.85
CA SER A 124 -24.18 -27.41 -12.08
C SER A 124 -24.48 -28.83 -12.58
N VAL A 125 -23.52 -29.71 -12.43
CA VAL A 125 -23.69 -31.05 -12.96
C VAL A 125 -24.65 -31.83 -12.08
N PHE A 126 -24.58 -31.64 -10.76
CA PHE A 126 -25.41 -32.42 -9.83
C PHE A 126 -26.64 -31.63 -9.40
N ALA A 127 -26.88 -30.48 -10.05
CA ALA A 127 -27.97 -29.56 -9.71
C ALA A 127 -29.32 -30.25 -9.57
N GLU A 128 -29.59 -31.22 -10.44
CA GLU A 128 -30.92 -31.81 -10.52
C GLU A 128 -31.05 -33.06 -9.67
N ARG A 129 -29.98 -33.47 -9.03
CA ARG A 129 -30.05 -34.63 -8.14
C ARG A 129 -30.61 -34.23 -6.78
N GLU A 130 -31.12 -35.19 -6.04
CA GLU A 130 -31.60 -34.90 -4.70
C GLU A 130 -30.37 -35.00 -3.81
N ILE A 131 -29.98 -33.91 -3.20
CA ILE A 131 -28.76 -33.86 -2.39
C ILE A 131 -29.09 -33.21 -1.08
N ASP A 132 -28.86 -33.94 0.01
CA ASP A 132 -29.07 -33.39 1.35
C ASP A 132 -27.79 -32.83 1.92
N VAL A 133 -26.66 -33.39 1.48
CA VAL A 133 -25.38 -33.10 2.12
C VAL A 133 -24.19 -33.40 1.20
N VAL A 134 -23.12 -32.64 1.42
CA VAL A 134 -21.86 -32.88 0.75
C VAL A 134 -20.90 -33.50 1.77
N MET A 135 -20.18 -34.53 1.35
CA MET A 135 -19.27 -35.27 2.23
C MET A 135 -17.87 -35.31 1.67
N THR A 136 -16.89 -35.18 2.55
CA THR A 136 -15.52 -35.31 2.11
C THR A 136 -14.69 -35.75 3.31
N VAL A 137 -13.47 -36.21 3.04
CA VAL A 137 -12.53 -36.58 4.09
C VAL A 137 -11.43 -35.54 4.19
N ALA A 138 -11.09 -35.16 5.42
CA ALA A 138 -9.98 -34.25 5.70
C ALA A 138 -8.77 -34.71 4.88
N THR A 139 -7.97 -33.79 4.34
CA THR A 139 -7.95 -32.38 4.73
C THR A 139 -7.97 -31.38 3.57
N LYS A 140 -7.18 -31.65 2.55
CA LYS A 140 -6.91 -30.69 1.46
C LYS A 140 -8.13 -30.32 0.63
N GLY A 141 -9.06 -31.26 0.49
CA GLY A 141 -10.25 -31.02 -0.31
C GLY A 141 -11.44 -30.47 0.44
N ILE A 142 -11.27 -30.14 1.72
CA ILE A 142 -12.39 -29.58 2.50
C ILE A 142 -12.93 -28.27 1.90
N PRO A 143 -12.07 -27.31 1.55
CA PRO A 143 -12.55 -26.08 0.91
C PRO A 143 -13.38 -26.35 -0.36
N LEU A 144 -12.92 -27.26 -1.21
CA LEU A 144 -13.65 -27.70 -2.39
C LEU A 144 -15.07 -28.20 -2.06
N ALA A 145 -15.17 -29.04 -1.03
CA ALA A 145 -16.46 -29.54 -0.57
C ALA A 145 -17.36 -28.37 -0.21
N TYR A 146 -16.81 -27.39 0.51
CA TYR A 146 -17.59 -26.23 0.92
C TYR A 146 -18.00 -25.37 -0.26
N ALA A 147 -17.13 -25.24 -1.25
CA ALA A 147 -17.46 -24.42 -2.40
C ALA A 147 -18.67 -25.03 -3.11
N ALA A 148 -18.62 -26.34 -3.39
CA ALA A 148 -19.73 -27.05 -4.01
C ALA A 148 -21.00 -26.93 -3.17
N ALA A 149 -20.86 -27.14 -1.87
CA ALA A 149 -22.03 -27.14 -0.96
C ALA A 149 -22.74 -25.78 -0.91
N SER A 150 -21.96 -24.70 -1.06
CA SER A 150 -22.53 -23.36 -0.95
C SER A 150 -23.40 -23.02 -2.17
N TYR A 151 -23.02 -23.50 -3.35
CA TYR A 151 -23.88 -23.34 -4.55
C TYR A 151 -25.12 -24.24 -4.49
N LEU A 152 -25.00 -25.41 -3.87
CA LEU A 152 -26.12 -26.38 -3.77
C LEU A 152 -26.98 -26.07 -2.58
N ASN A 153 -26.49 -25.20 -1.71
CA ASN A 153 -27.15 -24.88 -0.46
C ASN A 153 -27.42 -26.08 0.43
N VAL A 154 -26.37 -26.84 0.73
CA VAL A 154 -26.47 -27.94 1.68
C VAL A 154 -25.31 -27.88 2.67
N PRO A 155 -25.49 -28.52 3.81
CA PRO A 155 -24.40 -28.68 4.76
C PRO A 155 -23.30 -29.58 4.21
N VAL A 156 -22.11 -29.44 4.79
CA VAL A 156 -21.00 -30.33 4.56
C VAL A 156 -20.79 -31.20 5.79
N VAL A 157 -20.44 -32.45 5.57
CA VAL A 157 -20.11 -33.33 6.68
C VAL A 157 -18.68 -33.76 6.43
N ILE A 158 -17.81 -33.60 7.43
CA ILE A 158 -16.42 -33.95 7.25
C ILE A 158 -16.14 -35.25 7.96
N VAL A 159 -15.70 -36.25 7.21
CA VAL A 159 -15.35 -37.54 7.77
C VAL A 159 -13.95 -37.40 8.35
N ARG A 160 -13.73 -37.97 9.52
CA ARG A 160 -12.48 -37.78 10.23
C ARG A 160 -11.55 -38.99 10.06
N LYS A 161 -10.25 -38.75 9.97
CA LYS A 161 -9.26 -39.82 9.88
C LYS A 161 -8.63 -40.07 11.25
N ASP A 162 -8.98 -39.25 12.23
CA ASP A 162 -8.45 -39.35 13.59
C ASP A 162 -6.93 -39.14 13.62
N SER A 169 -21.89 -42.23 20.34
CA SER A 169 -21.41 -43.30 19.46
C SER A 169 -20.93 -42.78 18.10
N THR A 170 -19.90 -43.43 17.59
CA THR A 170 -19.25 -43.03 16.36
C THR A 170 -19.13 -44.23 15.43
N VAL A 171 -19.36 -44.00 14.15
CA VAL A 171 -19.31 -45.07 13.17
C VAL A 171 -17.96 -45.07 12.49
N SER A 172 -17.28 -46.21 12.55
CA SER A 172 -15.95 -46.36 12.00
C SER A 172 -15.91 -47.50 11.02
N ILE A 173 -15.12 -47.32 9.98
CA ILE A 173 -14.90 -48.33 8.97
C ILE A 173 -13.44 -48.27 8.58
N ASN A 174 -12.87 -49.42 8.23
CA ASN A 174 -11.47 -49.50 7.85
C ASN A 174 -11.34 -49.38 6.33
N TYR A 175 -10.20 -48.92 5.87
CA TYR A 175 -9.96 -48.78 4.44
C TYR A 175 -8.47 -48.59 4.25
N VAL A 176 -8.01 -48.58 2.99
CA VAL A 176 -6.61 -48.29 2.71
C VAL A 176 -6.46 -47.14 1.73
N SER A 177 -5.49 -46.26 1.99
CA SER A 177 -5.29 -45.06 1.19
C SER A 177 -4.31 -45.30 0.04
N GLY A 178 -4.52 -44.59 -1.07
CA GLY A 178 -3.64 -44.70 -2.23
C GLY A 178 -2.30 -44.04 -2.00
N SER A 179 -2.29 -42.99 -1.19
CA SER A 179 -1.05 -42.31 -0.81
C SER A 179 -0.55 -42.83 0.53
N SER A 180 -0.60 -44.14 0.71
CA SER A 180 -0.19 -44.78 1.96
C SER A 180 -0.07 -46.29 1.78
N ASN A 181 0.43 -46.96 2.80
CA ASN A 181 0.66 -48.40 2.75
C ASN A 181 0.20 -49.10 4.03
N ARG A 182 -0.86 -48.58 4.62
CA ARG A 182 -1.42 -49.14 5.87
C ARG A 182 -2.93 -48.99 5.93
N ILE A 183 -3.57 -49.84 6.72
CA ILE A 183 -5.01 -49.74 6.94
C ILE A 183 -5.30 -48.52 7.82
N GLN A 184 -6.12 -47.62 7.30
CA GLN A 184 -6.56 -46.47 8.07
C GLN A 184 -8.02 -46.64 8.49
N THR A 185 -8.47 -45.74 9.35
CA THR A 185 -9.85 -45.74 9.81
C THR A 185 -10.46 -44.38 9.50
N MET A 186 -11.70 -44.38 9.01
CA MET A 186 -12.42 -43.13 8.86
C MET A 186 -13.68 -43.23 9.69
N SER A 187 -14.15 -42.11 10.22
CA SER A 187 -15.24 -42.16 11.17
C SER A 187 -16.12 -40.93 11.14
N LEU A 188 -17.33 -41.11 11.65
CA LEU A 188 -18.33 -40.07 11.68
C LEU A 188 -19.22 -40.31 12.89
N ALA A 189 -19.40 -39.29 13.70
CA ALA A 189 -20.37 -39.38 14.78
C ALA A 189 -21.77 -39.54 14.20
N LYS A 190 -22.59 -40.34 14.89
CA LYS A 190 -23.98 -40.52 14.50
C LYS A 190 -24.71 -39.19 14.61
N ARG A 191 -24.32 -38.36 15.58
CA ARG A 191 -24.89 -37.02 15.73
C ARG A 191 -24.41 -36.03 14.64
N SER A 192 -23.48 -36.45 13.78
CA SER A 192 -22.94 -35.58 12.71
C SER A 192 -23.64 -35.74 11.35
N MET A 193 -24.51 -36.72 11.19
CA MET A 193 -25.17 -36.92 9.90
C MET A 193 -26.47 -37.71 10.05
N LYS A 194 -27.51 -37.32 9.32
CA LYS A 194 -28.79 -38.02 9.43
C LYS A 194 -28.78 -39.30 8.63
N THR A 195 -29.48 -40.31 9.13
CA THR A 195 -29.66 -41.57 8.40
C THR A 195 -30.57 -41.28 7.21
N GLY A 196 -30.50 -42.10 6.16
CA GLY A 196 -31.30 -41.85 4.97
C GLY A 196 -30.86 -40.70 4.06
N SER A 197 -29.79 -39.97 4.40
CA SER A 197 -29.33 -38.83 3.57
C SER A 197 -28.91 -39.17 2.14
N ASN A 198 -29.23 -38.28 1.20
CA ASN A 198 -28.65 -38.32 -0.16
C ASN A 198 -27.35 -37.50 -0.27
N VAL A 199 -26.25 -38.18 -0.60
CA VAL A 199 -24.92 -37.64 -0.36
C VAL A 199 -24.09 -37.43 -1.61
N LEU A 200 -23.60 -36.21 -1.78
CA LEU A 200 -22.63 -35.95 -2.83
C LEU A 200 -21.25 -35.98 -2.21
N ILE A 201 -20.45 -36.96 -2.63
CA ILE A 201 -19.08 -37.11 -2.14
C ILE A 201 -18.18 -36.24 -3.02
N ILE A 202 -17.32 -35.45 -2.40
CA ILE A 202 -16.36 -34.60 -3.11
C ILE A 202 -14.94 -34.95 -2.68
N ASP A 203 -14.04 -35.06 -3.64
CA ASP A 203 -12.67 -35.46 -3.35
C ASP A 203 -11.72 -34.69 -4.28
N ASP A 204 -10.54 -34.37 -3.79
CA ASP A 204 -9.61 -33.58 -4.60
C ASP A 204 -8.78 -34.46 -5.52
N PHE A 205 -8.29 -35.58 -5.00
CA PHE A 205 -7.35 -36.37 -5.76
C PHE A 205 -7.60 -37.84 -5.48
N MET A 206 -8.14 -38.54 -6.47
CA MET A 206 -8.40 -39.95 -6.32
C MET A 206 -7.25 -40.75 -6.91
N LYS A 207 -6.51 -41.46 -6.06
CA LYS A 207 -5.44 -42.33 -6.52
C LYS A 207 -5.99 -43.71 -6.93
N ALA A 208 -6.23 -44.58 -5.95
CA ALA A 208 -6.63 -45.94 -6.27
C ALA A 208 -8.09 -46.23 -5.91
N GLY A 209 -8.71 -45.30 -5.19
CA GLY A 209 -10.14 -45.40 -4.93
C GLY A 209 -10.54 -45.96 -3.57
N GLY A 210 -9.55 -46.33 -2.76
CA GLY A 210 -9.82 -46.85 -1.43
C GLY A 210 -10.54 -45.85 -0.52
N THR A 211 -10.16 -44.57 -0.63
CA THR A 211 -10.78 -43.54 0.20
C THR A 211 -12.25 -43.38 -0.12
N ILE A 212 -12.57 -43.19 -1.39
CA ILE A 212 -13.96 -43.04 -1.80
C ILE A 212 -14.80 -44.28 -1.49
N ASN A 213 -14.23 -45.47 -1.68
CA ASN A 213 -14.88 -46.72 -1.30
C ASN A 213 -15.08 -46.83 0.21
N GLY A 214 -14.10 -46.34 0.98
CA GLY A 214 -14.28 -46.21 2.42
C GLY A 214 -15.51 -45.36 2.73
N MET A 215 -15.57 -44.20 2.10
CA MET A 215 -16.68 -43.26 2.32
C MET A 215 -18.02 -43.89 1.99
N ILE A 216 -18.04 -44.64 0.90
CA ILE A 216 -19.25 -45.31 0.44
C ILE A 216 -19.66 -46.38 1.45
N ASN A 217 -18.66 -47.08 1.96
CA ASN A 217 -18.89 -48.07 3.02
C ASN A 217 -19.46 -47.42 4.27
N LEU A 218 -18.87 -46.30 4.67
CA LEU A 218 -19.38 -45.53 5.79
C LEU A 218 -20.85 -45.16 5.59
N LEU A 219 -21.16 -44.64 4.40
CA LEU A 219 -22.52 -44.22 4.07
C LEU A 219 -23.50 -45.37 4.26
N ASP A 220 -23.07 -46.61 3.97
CA ASP A 220 -23.92 -47.77 4.15
C ASP A 220 -24.33 -47.99 5.60
N GLU A 221 -23.47 -47.59 6.55
CA GLU A 221 -23.78 -47.77 7.97
C GLU A 221 -24.90 -46.83 8.43
N PHE A 222 -25.09 -45.77 7.65
CA PHE A 222 -26.13 -44.77 7.88
C PHE A 222 -27.30 -44.95 6.93
N ASN A 223 -27.29 -46.02 6.13
CA ASN A 223 -28.35 -46.20 5.13
C ASN A 223 -28.46 -44.97 4.22
N ALA A 224 -27.32 -44.34 3.95
CA ALA A 224 -27.28 -43.17 3.07
C ALA A 224 -27.10 -43.57 1.61
N ASN A 225 -27.53 -42.69 0.71
CA ASN A 225 -27.39 -42.95 -0.71
C ASN A 225 -26.33 -42.09 -1.33
N VAL A 226 -25.59 -42.66 -2.27
CA VAL A 226 -24.60 -41.87 -3.01
C VAL A 226 -25.30 -41.17 -4.15
N ALA A 227 -25.58 -39.89 -3.99
CA ALA A 227 -26.26 -39.13 -5.04
C ALA A 227 -25.29 -38.79 -6.19
N GLY A 228 -24.00 -38.75 -5.90
CA GLY A 228 -23.00 -38.48 -6.90
C GLY A 228 -21.62 -38.42 -6.30
N ILE A 229 -20.61 -38.41 -7.16
CA ILE A 229 -19.22 -38.30 -6.73
C ILE A 229 -18.47 -37.37 -7.66
N GLY A 230 -17.83 -36.37 -7.10
CA GLY A 230 -17.02 -35.48 -7.91
C GLY A 230 -15.60 -35.43 -7.41
N VAL A 231 -14.65 -35.62 -8.32
CA VAL A 231 -13.25 -35.49 -7.97
C VAL A 231 -12.57 -34.53 -8.93
N LEU A 232 -11.67 -33.69 -8.43
CA LEU A 232 -10.97 -32.73 -9.28
C LEU A 232 -9.96 -33.43 -10.18
N VAL A 233 -9.12 -34.29 -9.60
CA VAL A 233 -8.06 -34.97 -10.33
C VAL A 233 -8.07 -36.45 -10.02
N GLU A 234 -8.01 -37.28 -11.04
CA GLU A 234 -7.91 -38.73 -10.87
C GLU A 234 -6.61 -39.26 -11.47
N ALA A 235 -6.00 -40.23 -10.79
CA ALA A 235 -4.84 -40.90 -11.33
C ALA A 235 -5.30 -41.90 -12.38
N GLU A 236 -4.48 -42.07 -13.42
CA GLU A 236 -4.74 -43.07 -14.43
C GLU A 236 -4.71 -44.45 -13.80
N GLY A 237 -5.58 -45.34 -14.27
CA GLY A 237 -5.50 -46.73 -13.87
C GLY A 237 -6.53 -47.17 -12.83
N VAL A 238 -7.77 -46.73 -13.03
CA VAL A 238 -8.87 -47.25 -12.24
C VAL A 238 -9.51 -48.38 -13.03
N ASP A 239 -8.84 -49.54 -13.02
CA ASP A 239 -9.27 -50.73 -13.77
C ASP A 239 -10.74 -51.04 -13.50
N GLU A 240 -11.00 -51.79 -12.44
CA GLU A 240 -12.35 -52.06 -11.98
C GLU A 240 -12.83 -50.87 -11.15
N ARG A 241 -11.99 -49.84 -11.13
CA ARG A 241 -12.28 -48.56 -10.48
C ARG A 241 -12.89 -48.68 -9.09
N LEU A 242 -14.20 -48.48 -9.02
CA LEU A 242 -14.94 -48.57 -7.77
C LEU A 242 -16.41 -48.73 -8.11
N VAL A 243 -17.13 -49.49 -7.28
CA VAL A 243 -18.57 -49.67 -7.48
C VAL A 243 -19.31 -48.36 -7.19
N ASP A 244 -19.52 -47.59 -8.25
CA ASP A 244 -20.15 -46.27 -8.21
C ASP A 244 -19.49 -45.38 -9.25
N GLU A 245 -20.31 -44.77 -10.10
CA GLU A 245 -19.82 -43.82 -11.09
C GLU A 245 -19.42 -42.49 -10.42
N TYR A 246 -18.41 -41.83 -10.97
CA TYR A 246 -17.94 -40.57 -10.43
C TYR A 246 -17.63 -39.66 -11.60
N MET A 247 -17.58 -38.36 -11.34
CA MET A 247 -17.11 -37.42 -12.34
C MET A 247 -15.74 -36.90 -11.99
N SER A 248 -14.86 -36.83 -12.99
CA SER A 248 -13.53 -36.24 -12.78
C SER A 248 -13.29 -35.12 -13.78
N LEU A 249 -12.57 -34.08 -13.37
CA LEU A 249 -12.28 -32.99 -14.29
C LEU A 249 -11.01 -33.29 -15.07
N LEU A 250 -9.99 -33.76 -14.35
CA LEU A 250 -8.66 -33.96 -14.92
C LEU A 250 -8.11 -35.33 -14.61
N THR A 251 -7.24 -35.84 -15.48
CA THR A 251 -6.58 -37.10 -15.25
C THR A 251 -5.07 -36.88 -15.19
N LEU A 252 -4.41 -37.50 -14.21
CA LEU A 252 -2.97 -37.36 -14.04
C LEU A 252 -2.23 -38.68 -14.29
N SER A 253 -1.19 -38.64 -15.12
CA SER A 253 -0.39 -39.84 -15.35
C SER A 253 1.13 -39.61 -15.27
N THR A 254 1.87 -40.34 -16.09
CA THR A 254 3.33 -40.29 -16.11
C THR A 254 3.89 -38.97 -15.52
N ILE A 255 4.38 -39.07 -14.29
CA ILE A 255 4.75 -37.87 -13.54
C ILE A 255 6.20 -37.50 -13.68
N ASN A 256 6.85 -38.04 -14.72
CA ASN A 256 8.14 -37.54 -15.19
C ASN A 256 8.79 -38.37 -16.28
N MET A 257 8.47 -38.08 -17.54
CA MET A 257 9.12 -38.79 -18.64
C MET A 257 9.88 -37.87 -19.61
N LYS A 258 11.01 -38.38 -20.11
CA LYS A 258 12.02 -37.60 -20.83
C LYS A 258 12.83 -36.81 -19.80
N GLU A 259 12.13 -35.92 -19.09
CA GLU A 259 12.65 -35.22 -17.93
C GLU A 259 11.87 -33.92 -17.68
N LYS A 260 11.50 -33.71 -16.43
CA LYS A 260 10.78 -32.53 -16.00
C LYS A 260 9.47 -32.32 -16.78
N SER A 261 8.63 -33.34 -16.81
CA SER A 261 7.33 -33.22 -17.49
C SER A 261 6.23 -33.94 -16.72
N ILE A 262 5.01 -33.45 -16.86
CA ILE A 262 3.86 -34.11 -16.26
C ILE A 262 2.69 -34.25 -17.25
N GLU A 263 2.15 -35.46 -17.33
CA GLU A 263 1.08 -35.78 -18.26
C GLU A 263 -0.30 -35.56 -17.66
N ILE A 264 -1.01 -34.55 -18.15
CA ILE A 264 -2.37 -34.28 -17.69
C ILE A 264 -3.35 -34.26 -18.86
N GLN A 265 -4.47 -34.95 -18.66
CA GLN A 265 -5.48 -35.06 -19.68
C GLN A 265 -6.82 -34.68 -19.06
N ASN A 266 -7.80 -34.41 -19.91
CA ASN A 266 -9.14 -34.13 -19.45
C ASN A 266 -9.72 -35.38 -18.80
N GLY A 267 -10.58 -35.18 -17.80
CA GLY A 267 -11.26 -36.28 -17.15
C GLY A 267 -12.51 -36.65 -17.92
N ASN A 268 -13.47 -37.28 -17.25
CA ASN A 268 -14.69 -37.74 -17.90
C ASN A 268 -15.86 -36.75 -17.81
N PHE A 269 -15.60 -35.53 -17.33
CA PHE A 269 -16.69 -34.59 -16.99
C PHE A 269 -17.70 -34.34 -18.12
N LEU A 270 -17.25 -34.49 -19.37
CA LEU A 270 -18.11 -34.21 -20.52
C LEU A 270 -19.32 -35.13 -20.58
N ARG A 271 -19.16 -36.35 -20.10
CA ARG A 271 -20.29 -37.27 -20.02
C ARG A 271 -21.45 -36.66 -19.22
N PHE A 272 -21.11 -35.81 -18.26
CA PHE A 272 -22.12 -35.23 -17.36
C PHE A 272 -22.76 -33.97 -17.93
N PHE A 273 -22.29 -33.56 -19.10
CA PHE A 273 -22.88 -32.43 -19.78
C PHE A 273 -23.76 -32.83 -20.97
N LYS A 274 -23.71 -34.11 -21.35
CA LYS A 274 -24.49 -34.59 -22.50
C LYS A 274 -25.63 -35.48 -22.05
N ASP A 275 -26.61 -35.66 -22.93
CA ASP A 275 -27.74 -36.54 -22.68
C ASP A 275 -27.48 -37.96 -23.22
N ASN A 276 -27.98 -38.96 -22.51
CA ASN A 276 -27.91 -40.34 -22.98
C ASN A 276 -28.83 -40.57 -24.19
N LYS B 2 -25.52 -5.83 -27.10
CA LYS B 2 -25.29 -4.41 -26.67
C LYS B 2 -25.54 -4.22 -25.17
N PHE B 3 -26.55 -4.92 -24.65
CA PHE B 3 -26.94 -4.80 -23.23
C PHE B 3 -27.83 -3.58 -22.95
N ARG B 4 -29.10 -3.80 -22.61
CA ARG B 4 -29.97 -2.75 -22.07
C ARG B 4 -29.43 -2.29 -20.72
N ARG B 5 -29.86 -1.13 -20.24
CA ARG B 5 -29.42 -0.67 -18.93
C ARG B 5 -29.75 -1.69 -17.83
N SER B 6 -30.94 -2.27 -17.92
CA SER B 6 -31.41 -3.29 -16.99
C SER B 6 -30.48 -4.51 -16.90
N GLY B 7 -30.13 -5.08 -18.05
CA GLY B 7 -29.28 -6.25 -18.10
C GLY B 7 -27.88 -5.91 -17.61
N ARG B 8 -27.43 -4.70 -17.94
CA ARG B 8 -26.15 -4.21 -17.49
C ARG B 8 -26.05 -4.17 -15.97
N LEU B 9 -27.07 -3.62 -15.31
CA LEU B 9 -27.05 -3.59 -13.84
C LEU B 9 -27.00 -4.99 -13.24
N VAL B 10 -27.74 -5.92 -13.83
CA VAL B 10 -27.78 -7.28 -13.32
C VAL B 10 -26.42 -7.94 -13.48
N ASP B 11 -25.85 -7.83 -14.66
CA ASP B 11 -24.57 -8.45 -14.93
C ASP B 11 -23.44 -7.84 -14.09
N LEU B 12 -23.42 -6.52 -13.96
CA LEU B 12 -22.43 -5.82 -13.16
C LEU B 12 -22.53 -6.25 -11.71
N THR B 13 -23.76 -6.31 -11.21
CA THR B 13 -23.98 -6.79 -9.85
C THR B 13 -23.36 -8.17 -9.64
N ASN B 14 -23.68 -9.10 -10.55
CA ASN B 14 -23.10 -10.43 -10.48
C ASN B 14 -21.57 -10.39 -10.59
N TYR B 15 -21.07 -9.67 -11.59
CA TYR B 15 -19.63 -9.61 -11.78
C TYR B 15 -18.91 -9.10 -10.52
N LEU B 16 -19.38 -7.99 -9.95
CA LEU B 16 -18.79 -7.44 -8.72
C LEU B 16 -18.84 -8.44 -7.58
N LEU B 17 -19.99 -9.09 -7.40
CA LEU B 17 -20.18 -10.02 -6.30
C LEU B 17 -19.28 -11.25 -6.42
N THR B 18 -18.99 -11.67 -7.65
CA THR B 18 -18.10 -12.81 -7.82
C THR B 18 -16.63 -12.42 -7.94
N HIS B 19 -16.33 -11.12 -7.89
CA HIS B 19 -14.91 -10.69 -7.89
C HIS B 19 -14.63 -9.66 -6.78
N PRO B 20 -14.90 -10.03 -5.52
CA PRO B 20 -14.72 -9.11 -4.40
C PRO B 20 -13.23 -8.75 -4.20
N HIS B 21 -12.94 -7.55 -3.72
CA HIS B 21 -11.55 -7.12 -3.48
C HIS B 21 -10.67 -7.26 -4.71
N GLU B 22 -11.24 -7.02 -5.88
CA GLU B 22 -10.43 -6.95 -7.08
C GLU B 22 -10.71 -5.61 -7.75
N LEU B 23 -9.66 -4.86 -8.06
CA LEU B 23 -9.84 -3.60 -8.75
C LEU B 23 -10.08 -3.89 -10.24
N ILE B 24 -11.27 -3.57 -10.74
CA ILE B 24 -11.60 -3.85 -12.13
C ILE B 24 -11.62 -2.57 -12.94
N PRO B 25 -10.77 -2.49 -13.95
CA PRO B 25 -10.74 -1.30 -14.83
C PRO B 25 -12.13 -0.99 -15.42
N LEU B 26 -12.50 0.28 -15.40
CA LEU B 26 -13.74 0.70 -16.02
C LEU B 26 -13.79 0.27 -17.49
N THR B 27 -12.64 0.35 -18.15
CA THR B 27 -12.53 -0.10 -19.55
C THR B 27 -12.94 -1.57 -19.76
N PHE B 28 -12.76 -2.42 -18.75
CA PHE B 28 -13.23 -3.80 -18.89
C PHE B 28 -14.75 -3.85 -19.07
N PHE B 29 -15.47 -3.04 -18.31
CA PHE B 29 -16.93 -3.02 -18.36
C PHE B 29 -17.43 -2.30 -19.58
N SER B 30 -16.73 -1.22 -19.94
CA SER B 30 -17.09 -0.44 -21.10
C SER B 30 -16.98 -1.26 -22.38
N GLU B 31 -15.99 -2.14 -22.43
CA GLU B 31 -15.86 -3.02 -23.60
C GLU B 31 -16.85 -4.18 -23.53
N ARG B 32 -17.07 -4.69 -22.32
CA ARG B 32 -18.03 -5.77 -22.12
C ARG B 32 -19.44 -5.35 -22.54
N TYR B 33 -19.84 -4.12 -22.20
CA TYR B 33 -21.20 -3.68 -22.44
C TYR B 33 -21.31 -2.78 -23.66
N GLU B 34 -20.18 -2.49 -24.29
CA GLU B 34 -20.16 -1.55 -25.41
C GLU B 34 -20.89 -0.25 -25.04
N SER B 35 -20.58 0.26 -23.85
CA SER B 35 -21.12 1.53 -23.38
C SER B 35 -19.99 2.45 -22.96
N ALA B 36 -20.26 3.74 -22.92
CA ALA B 36 -19.27 4.71 -22.48
C ALA B 36 -18.95 4.47 -21.01
N LYS B 37 -17.70 4.74 -20.62
CA LYS B 37 -17.27 4.56 -19.24
C LYS B 37 -18.09 5.41 -18.28
N SER B 38 -18.50 6.58 -18.74
CA SER B 38 -19.28 7.45 -17.87
C SER B 38 -20.65 6.83 -17.56
N SER B 39 -21.17 6.02 -18.47
CA SER B 39 -22.46 5.36 -18.22
C SER B 39 -22.28 4.23 -17.23
N ILE B 40 -21.17 3.50 -17.36
CA ILE B 40 -20.81 2.47 -16.39
C ILE B 40 -20.69 3.09 -15.00
N SER B 41 -20.05 4.25 -14.90
CA SER B 41 -19.89 4.93 -13.61
C SER B 41 -21.26 5.27 -12.97
N GLU B 42 -22.22 5.71 -13.78
CA GLU B 42 -23.59 5.97 -13.26
C GLU B 42 -24.24 4.66 -12.78
N ASP B 43 -24.06 3.58 -13.53
CA ASP B 43 -24.49 2.25 -13.09
C ASP B 43 -23.83 1.86 -11.74
N LEU B 44 -22.55 2.15 -11.60
CA LEU B 44 -21.84 1.80 -10.36
C LEU B 44 -22.33 2.60 -9.16
N THR B 45 -22.71 3.86 -9.40
CA THR B 45 -23.30 4.70 -8.37
C THR B 45 -24.62 4.11 -7.85
N ILE B 46 -25.44 3.58 -8.74
CA ILE B 46 -26.66 2.94 -8.30
C ILE B 46 -26.39 1.68 -7.45
N ILE B 47 -25.42 0.86 -7.86
CA ILE B 47 -25.09 -0.37 -7.13
C ILE B 47 -24.48 -0.08 -5.76
N LYS B 48 -23.52 0.83 -5.73
CA LYS B 48 -22.97 1.36 -4.49
C LYS B 48 -24.06 1.77 -3.49
N GLN B 49 -25.04 2.59 -3.92
CA GLN B 49 -26.08 3.05 -3.02
C GLN B 49 -26.89 1.88 -2.47
N THR B 50 -27.29 0.97 -3.35
CA THR B 50 -28.06 -0.19 -2.93
C THR B 50 -27.19 -1.08 -2.05
N PHE B 51 -25.93 -1.27 -2.44
CA PHE B 51 -25.04 -2.13 -1.67
C PHE B 51 -24.95 -1.59 -0.23
N GLU B 52 -24.87 -0.26 -0.10
CA GLU B 52 -24.75 0.36 1.22
C GLU B 52 -26.06 0.34 1.99
N GLN B 53 -27.15 0.67 1.33
CA GLN B 53 -28.45 0.64 1.98
C GLN B 53 -28.83 -0.76 2.45
N GLN B 54 -28.41 -1.78 1.71
CA GLN B 54 -28.83 -3.15 2.00
C GLN B 54 -27.85 -3.89 2.85
N GLY B 55 -26.73 -3.25 3.18
CA GLY B 55 -25.75 -3.88 4.05
C GLY B 55 -24.93 -4.96 3.35
N ILE B 56 -24.81 -4.86 2.03
CA ILE B 56 -24.02 -5.82 1.27
C ILE B 56 -22.52 -5.44 1.28
N GLY B 57 -22.22 -4.17 1.14
CA GLY B 57 -20.84 -3.71 1.24
C GLY B 57 -20.74 -2.35 0.58
N THR B 58 -19.58 -2.03 0.05
CA THR B 58 -19.41 -0.76 -0.60
C THR B 58 -18.64 -0.97 -1.89
N LEU B 59 -18.70 0.03 -2.76
CA LEU B 59 -17.91 0.06 -3.98
C LEU B 59 -16.90 1.18 -3.82
N LEU B 60 -15.63 0.88 -4.04
CA LEU B 60 -14.62 1.92 -3.97
C LEU B 60 -14.22 2.22 -5.40
N THR B 61 -14.16 3.50 -5.76
CA THR B 61 -13.78 3.85 -7.13
C THR B 61 -12.49 4.66 -7.22
N VAL B 62 -11.73 4.38 -8.27
CA VAL B 62 -10.56 5.16 -8.60
C VAL B 62 -10.95 5.89 -9.87
N PRO B 63 -10.92 7.21 -9.87
CA PRO B 63 -11.38 7.97 -11.03
C PRO B 63 -10.30 7.99 -12.11
N GLY B 64 -10.56 8.62 -13.25
CA GLY B 64 -9.49 9.02 -14.17
C GLY B 64 -8.88 7.93 -15.04
N ALA B 65 -7.61 8.12 -15.42
CA ALA B 65 -7.00 7.31 -16.46
C ALA B 65 -6.82 5.84 -16.07
N ALA B 66 -6.32 5.60 -14.86
CA ALA B 66 -6.30 4.24 -14.31
C ALA B 66 -7.64 3.91 -13.64
N GLY B 67 -8.74 4.46 -14.14
CA GLY B 67 -10.06 4.29 -13.52
C GLY B 67 -10.53 2.86 -13.28
N GLY B 68 -11.15 2.62 -12.12
CA GLY B 68 -11.63 1.29 -11.78
C GLY B 68 -12.53 1.27 -10.56
N VAL B 69 -13.14 0.12 -10.30
CA VAL B 69 -14.05 -0.05 -9.17
C VAL B 69 -13.69 -1.34 -8.43
N LYS B 70 -13.82 -1.30 -7.12
CA LYS B 70 -13.53 -2.47 -6.32
C LYS B 70 -14.68 -2.72 -5.33
N TYR B 71 -15.21 -3.94 -5.30
CA TYR B 71 -16.30 -4.26 -4.37
C TYR B 71 -15.76 -4.78 -3.03
N ILE B 72 -16.17 -4.17 -1.93
CA ILE B 72 -15.76 -4.59 -0.60
C ILE B 72 -16.95 -5.12 0.18
N PRO B 73 -16.98 -6.42 0.43
CA PRO B 73 -17.98 -6.97 1.35
C PRO B 73 -17.84 -6.28 2.70
N LYS B 74 -18.94 -5.81 3.26
CA LYS B 74 -18.92 -5.24 4.60
C LYS B 74 -20.23 -5.60 5.27
N MET B 75 -20.16 -5.77 6.59
CA MET B 75 -21.34 -6.08 7.37
C MET B 75 -21.59 -4.92 8.32
N LYS B 76 -22.83 -4.46 8.38
CA LYS B 76 -23.16 -3.38 9.31
C LYS B 76 -23.17 -3.89 10.75
N GLN B 77 -22.82 -3.02 11.68
CA GLN B 77 -22.77 -3.36 13.10
C GLN B 77 -24.03 -4.04 13.58
N ALA B 78 -25.18 -3.49 13.17
CA ALA B 78 -26.48 -4.02 13.61
C ALA B 78 -26.73 -5.44 13.12
N GLU B 79 -26.34 -5.72 11.88
CA GLU B 79 -26.43 -7.09 11.39
C GLU B 79 -25.44 -7.99 12.16
N ALA B 80 -24.21 -7.52 12.35
CA ALA B 80 -23.24 -8.31 13.13
C ALA B 80 -23.76 -8.68 14.52
N GLU B 81 -24.26 -7.70 15.27
CA GLU B 81 -24.73 -7.95 16.64
C GLU B 81 -25.90 -8.94 16.67
N GLU B 82 -26.86 -8.75 15.77
CA GLU B 82 -28.01 -9.65 15.68
C GLU B 82 -27.57 -11.08 15.34
N PHE B 83 -26.64 -11.20 14.40
CA PHE B 83 -26.19 -12.50 13.97
C PHE B 83 -25.40 -13.23 15.08
N VAL B 84 -24.51 -12.50 15.73
CA VAL B 84 -23.71 -13.08 16.79
C VAL B 84 -24.61 -13.47 17.97
N GLN B 85 -25.55 -12.61 18.30
CA GLN B 85 -26.52 -12.90 19.34
C GLN B 85 -27.26 -14.20 19.04
N THR B 86 -27.76 -14.33 17.82
CA THR B 86 -28.50 -15.55 17.47
C THR B 86 -27.60 -16.78 17.58
N LEU B 87 -26.36 -16.64 17.11
CA LEU B 87 -25.42 -17.75 17.16
C LEU B 87 -25.07 -18.12 18.60
N GLY B 88 -24.87 -17.11 19.44
CA GLY B 88 -24.55 -17.37 20.82
C GLY B 88 -25.69 -18.07 21.56
N GLN B 89 -26.91 -17.65 21.27
CA GLN B 89 -28.10 -18.24 21.88
C GLN B 89 -28.21 -19.73 21.57
N SER B 90 -27.96 -20.10 20.31
CA SER B 90 -27.96 -21.51 19.96
C SER B 90 -26.75 -22.26 20.53
N LEU B 91 -25.65 -21.54 20.80
CA LEU B 91 -24.51 -22.16 21.49
C LEU B 91 -24.81 -22.40 22.97
N ALA B 92 -25.66 -21.54 23.54
CA ALA B 92 -25.96 -21.59 24.98
C ALA B 92 -26.82 -22.79 25.36
N ASN B 93 -26.63 -23.90 24.67
CA ASN B 93 -27.41 -25.11 24.90
C ASN B 93 -26.56 -26.11 25.66
N PRO B 94 -27.10 -26.61 26.77
CA PRO B 94 -26.40 -27.58 27.62
C PRO B 94 -25.99 -28.85 26.87
N GLU B 95 -26.76 -29.23 25.86
CA GLU B 95 -26.46 -30.43 25.09
C GLU B 95 -25.15 -30.31 24.29
N ARG B 96 -24.71 -29.08 24.04
CA ARG B 96 -23.44 -28.88 23.34
C ARG B 96 -22.21 -28.92 24.23
N ILE B 97 -22.37 -29.20 25.52
CA ILE B 97 -21.20 -29.24 26.41
C ILE B 97 -20.41 -30.51 26.18
N LEU B 98 -19.10 -30.37 25.99
CA LEU B 98 -18.20 -31.51 25.85
C LEU B 98 -17.19 -31.54 27.02
N PRO B 99 -16.60 -32.70 27.27
CA PRO B 99 -15.56 -32.82 28.31
C PRO B 99 -14.42 -31.84 28.09
N GLY B 100 -13.87 -31.29 29.18
CA GLY B 100 -12.68 -30.46 29.10
C GLY B 100 -12.97 -29.00 28.86
N GLY B 101 -14.23 -28.62 29.00
CA GLY B 101 -14.65 -27.25 28.76
C GLY B 101 -14.73 -26.91 27.27
N TYR B 102 -14.95 -27.93 26.43
CA TYR B 102 -15.14 -27.69 25.00
C TYR B 102 -16.61 -27.58 24.66
N VAL B 103 -16.88 -27.01 23.50
CA VAL B 103 -18.24 -26.81 23.01
C VAL B 103 -18.45 -27.43 21.62
N TYR B 104 -19.55 -28.14 21.46
CA TYR B 104 -19.91 -28.77 20.20
C TYR B 104 -20.28 -27.70 19.18
N LEU B 105 -19.47 -27.61 18.11
CA LEU B 105 -19.63 -26.62 17.05
C LEU B 105 -19.86 -27.28 15.68
N THR B 106 -19.72 -28.60 15.63
CA THR B 106 -19.69 -29.33 14.34
C THR B 106 -20.91 -29.07 13.44
N ASP B 107 -22.12 -29.10 14.00
CA ASP B 107 -23.29 -28.84 13.18
C ASP B 107 -23.24 -27.42 12.59
N ILE B 108 -22.83 -26.47 13.42
CA ILE B 108 -22.72 -25.06 13.03
C ILE B 108 -21.65 -24.83 11.95
N LEU B 109 -20.52 -25.52 12.07
CA LEU B 109 -19.41 -25.33 11.15
C LEU B 109 -19.69 -25.98 9.79
N GLY B 110 -20.74 -26.77 9.70
CA GLY B 110 -21.09 -27.40 8.45
C GLY B 110 -22.13 -26.67 7.60
N LYS B 111 -22.81 -25.67 8.17
CA LYS B 111 -23.93 -25.01 7.48
C LYS B 111 -23.50 -23.82 6.63
N PRO B 112 -23.93 -23.79 5.38
CA PRO B 112 -23.48 -22.77 4.41
C PRO B 112 -23.91 -21.37 4.84
N SER B 113 -25.16 -21.22 5.28
CA SER B 113 -25.68 -19.91 5.63
C SER B 113 -24.92 -19.34 6.82
N VAL B 114 -24.66 -20.18 7.80
CA VAL B 114 -23.92 -19.77 8.98
C VAL B 114 -22.51 -19.38 8.64
N LEU B 115 -21.82 -20.25 7.90
CA LEU B 115 -20.43 -19.98 7.50
C LEU B 115 -20.25 -18.69 6.72
N SER B 116 -21.11 -18.45 5.74
CA SER B 116 -20.99 -17.25 4.92
C SER B 116 -21.13 -15.96 5.76
N LYS B 117 -22.01 -15.95 6.75
CA LYS B 117 -22.12 -14.77 7.62
C LYS B 117 -20.88 -14.57 8.48
N VAL B 118 -20.37 -15.66 9.07
CA VAL B 118 -19.12 -15.58 9.84
C VAL B 118 -17.93 -15.14 8.95
N GLY B 119 -17.80 -15.78 7.80
CA GLY B 119 -16.78 -15.40 6.82
C GLY B 119 -16.88 -13.92 6.48
N LYS B 120 -18.10 -13.46 6.22
CA LYS B 120 -18.34 -12.08 5.84
C LYS B 120 -17.98 -11.13 6.98
N LEU B 121 -18.37 -11.48 8.20
CA LEU B 121 -18.04 -10.67 9.35
C LEU B 121 -16.52 -10.53 9.50
N PHE B 122 -15.79 -11.65 9.41
CA PHE B 122 -14.33 -11.58 9.43
C PHE B 122 -13.76 -10.73 8.28
N ALA B 123 -14.28 -10.91 7.07
CA ALA B 123 -13.77 -10.13 5.94
C ALA B 123 -14.11 -8.64 6.11
N SER B 124 -15.25 -8.36 6.74
CA SER B 124 -15.65 -6.99 6.98
C SER B 124 -14.69 -6.33 7.96
N VAL B 125 -14.40 -7.00 9.06
CA VAL B 125 -13.56 -6.38 10.08
C VAL B 125 -12.13 -6.17 9.56
N PHE B 126 -11.60 -7.17 8.85
CA PHE B 126 -10.23 -7.13 8.35
C PHE B 126 -10.11 -6.62 6.92
N ALA B 127 -11.16 -5.97 6.41
CA ALA B 127 -11.21 -5.49 5.02
C ALA B 127 -10.09 -4.51 4.65
N GLU B 128 -9.62 -3.76 5.64
CA GLU B 128 -8.67 -2.69 5.33
C GLU B 128 -7.21 -3.09 5.59
N ARG B 129 -7.01 -4.25 6.23
CA ARG B 129 -5.65 -4.74 6.45
C ARG B 129 -5.12 -5.22 5.13
N GLU B 130 -3.81 -5.24 5.00
CA GLU B 130 -3.22 -5.82 3.81
C GLU B 130 -3.14 -7.29 4.19
N ILE B 131 -3.83 -8.14 3.44
CA ILE B 131 -3.81 -9.56 3.74
C ILE B 131 -3.49 -10.31 2.46
N ASP B 132 -2.51 -11.20 2.52
CA ASP B 132 -2.17 -12.00 1.35
C ASP B 132 -2.82 -13.38 1.39
N VAL B 133 -3.06 -13.88 2.58
CA VAL B 133 -3.37 -15.29 2.74
C VAL B 133 -4.14 -15.43 4.04
N VAL B 134 -5.10 -16.35 4.08
CA VAL B 134 -5.78 -16.70 5.32
C VAL B 134 -5.23 -18.05 5.76
N MET B 135 -4.88 -18.19 7.03
CA MET B 135 -4.30 -19.45 7.51
C MET B 135 -5.07 -20.02 8.70
N THR B 136 -5.21 -21.34 8.74
CA THR B 136 -5.75 -22.01 9.91
C THR B 136 -5.07 -23.36 10.04
N VAL B 137 -5.42 -24.12 11.06
CA VAL B 137 -4.88 -25.47 11.25
C VAL B 137 -6.03 -26.46 11.07
N ALA B 138 -5.76 -27.59 10.43
CA ALA B 138 -6.76 -28.63 10.30
C ALA B 138 -7.21 -29.04 11.72
N THR B 139 -8.49 -29.34 11.92
CA THR B 139 -9.47 -29.52 10.85
C THR B 139 -10.66 -28.55 10.89
N LYS B 140 -11.14 -28.22 12.08
CA LYS B 140 -12.39 -27.47 12.28
C LYS B 140 -12.35 -26.00 11.83
N GLY B 141 -11.18 -25.38 11.93
CA GLY B 141 -11.03 -24.00 11.50
C GLY B 141 -11.17 -23.83 9.98
N ILE B 142 -11.01 -24.92 9.24
CA ILE B 142 -10.90 -24.85 7.77
C ILE B 142 -12.09 -24.18 7.09
N PRO B 143 -13.31 -24.61 7.41
CA PRO B 143 -14.51 -23.99 6.84
C PRO B 143 -14.55 -22.49 7.08
N LEU B 144 -14.18 -22.04 8.27
CA LEU B 144 -14.18 -20.62 8.62
C LEU B 144 -13.12 -19.87 7.83
N ALA B 145 -11.95 -20.50 7.71
CA ALA B 145 -10.84 -19.85 7.06
C ALA B 145 -11.15 -19.69 5.58
N TYR B 146 -11.73 -20.73 4.98
CA TYR B 146 -12.15 -20.68 3.58
C TYR B 146 -13.27 -19.65 3.32
N ALA B 147 -14.25 -19.59 4.22
CA ALA B 147 -15.34 -18.63 4.09
C ALA B 147 -14.76 -17.21 4.10
N ALA B 148 -13.89 -16.91 5.05
CA ALA B 148 -13.27 -15.60 5.12
C ALA B 148 -12.44 -15.30 3.90
N ALA B 149 -11.66 -16.30 3.47
CA ALA B 149 -10.83 -16.15 2.28
C ALA B 149 -11.65 -15.90 1.02
N SER B 150 -12.84 -16.48 0.93
CA SER B 150 -13.62 -16.32 -0.29
C SER B 150 -14.12 -14.88 -0.39
N TYR B 151 -14.42 -14.24 0.73
CA TYR B 151 -14.79 -12.83 0.72
C TYR B 151 -13.60 -11.90 0.50
N LEU B 152 -12.43 -12.25 1.05
CA LEU B 152 -11.25 -11.38 0.92
C LEU B 152 -10.56 -11.64 -0.39
N ASN B 153 -10.98 -12.71 -1.07
CA ASN B 153 -10.35 -13.15 -2.31
C ASN B 153 -8.85 -13.43 -2.22
N VAL B 154 -8.43 -14.15 -1.19
CA VAL B 154 -7.04 -14.58 -1.06
C VAL B 154 -6.99 -16.08 -0.84
N PRO B 155 -5.84 -16.70 -1.07
CA PRO B 155 -5.67 -18.14 -0.81
C PRO B 155 -5.93 -18.52 0.63
N VAL B 156 -6.40 -19.74 0.85
CA VAL B 156 -6.41 -20.26 2.20
C VAL B 156 -5.27 -21.26 2.30
N VAL B 157 -4.52 -21.20 3.40
CA VAL B 157 -3.35 -22.04 3.65
C VAL B 157 -3.65 -22.88 4.89
N ILE B 158 -3.45 -24.20 4.82
CA ILE B 158 -3.88 -25.05 5.92
C ILE B 158 -2.68 -25.68 6.57
N VAL B 159 -2.48 -25.40 7.86
CA VAL B 159 -1.35 -25.98 8.58
C VAL B 159 -1.74 -27.40 8.99
N ARG B 160 -0.82 -28.34 8.82
CA ARG B 160 -1.12 -29.75 9.03
C ARG B 160 -0.66 -30.21 10.39
N LYS B 161 -1.27 -31.29 10.87
CA LYS B 161 -0.92 -31.86 12.17
C LYS B 161 -0.02 -33.11 12.05
N ASP B 162 0.39 -33.43 10.83
CA ASP B 162 1.31 -34.55 10.58
C ASP B 162 2.75 -34.06 10.29
N GLU B 167 3.94 -31.90 -0.99
CA GLU B 167 4.80 -31.69 0.16
C GLU B 167 6.08 -30.93 -0.18
N GLY B 168 7.21 -31.61 -0.04
CA GLY B 168 8.51 -30.98 -0.18
C GLY B 168 9.05 -30.58 1.19
N SER B 169 10.12 -29.79 1.20
CA SER B 169 10.67 -29.26 2.45
C SER B 169 9.59 -28.62 3.32
N THR B 170 9.74 -28.76 4.63
CA THR B 170 8.66 -28.49 5.56
C THR B 170 9.11 -27.74 6.79
N VAL B 171 8.32 -26.78 7.25
CA VAL B 171 8.59 -26.09 8.50
C VAL B 171 7.70 -26.64 9.62
N SER B 172 8.29 -26.91 10.78
CA SER B 172 7.62 -27.61 11.87
C SER B 172 7.75 -26.82 13.19
N ILE B 173 6.71 -26.90 14.02
CA ILE B 173 6.65 -26.13 15.26
C ILE B 173 5.91 -26.96 16.27
N ASN B 174 6.51 -27.16 17.44
CA ASN B 174 5.84 -27.87 18.53
C ASN B 174 4.90 -26.90 19.25
N TYR B 175 3.78 -27.43 19.75
CA TYR B 175 2.82 -26.60 20.50
C TYR B 175 1.93 -27.48 21.37
N VAL B 176 1.23 -26.85 22.30
CA VAL B 176 0.31 -27.57 23.16
C VAL B 176 -1.09 -26.99 23.00
N SER B 177 -2.07 -27.85 22.81
CA SER B 177 -3.47 -27.42 22.77
C SER B 177 -4.15 -27.86 24.05
N GLY B 178 -5.26 -27.20 24.38
CA GLY B 178 -6.03 -27.53 25.56
C GLY B 178 -6.62 -28.94 25.62
N SER B 179 -6.73 -29.60 24.47
CA SER B 179 -7.39 -30.91 24.40
C SER B 179 -6.51 -32.06 24.91
N SER B 180 -5.22 -31.77 25.13
CA SER B 180 -4.28 -32.72 25.72
C SER B 180 -2.95 -32.02 26.02
N ASN B 181 -2.41 -32.28 27.21
CA ASN B 181 -1.13 -31.70 27.63
C ASN B 181 0.06 -32.27 26.83
N ARG B 182 -0.26 -33.19 25.94
CA ARG B 182 0.71 -33.78 25.02
C ARG B 182 1.22 -32.74 24.03
N ILE B 183 2.50 -32.83 23.67
CA ILE B 183 3.06 -31.89 22.71
C ILE B 183 2.75 -32.30 21.28
N GLN B 184 2.13 -31.40 20.53
CA GLN B 184 1.82 -31.71 19.15
C GLN B 184 2.76 -30.96 18.24
N THR B 185 2.75 -31.33 16.96
CA THR B 185 3.57 -30.68 15.97
C THR B 185 2.71 -30.20 14.82
N MET B 186 2.88 -28.93 14.44
CA MET B 186 2.21 -28.43 13.28
C MET B 186 3.26 -28.11 12.22
N SER B 187 2.88 -28.28 10.95
CA SER B 187 3.83 -28.07 9.89
C SER B 187 3.20 -27.53 8.61
N LEU B 188 4.01 -26.84 7.82
CA LEU B 188 3.55 -26.28 6.55
C LEU B 188 4.72 -26.38 5.59
N ALA B 189 4.44 -26.74 4.34
CA ALA B 189 5.48 -26.82 3.32
C ALA B 189 6.04 -25.43 3.07
N LYS B 190 7.35 -25.35 2.85
CA LYS B 190 8.00 -24.07 2.59
C LYS B 190 7.45 -23.34 1.36
N ARG B 191 6.99 -24.10 0.38
CA ARG B 191 6.44 -23.48 -0.83
C ARG B 191 4.99 -23.03 -0.65
N SER B 192 4.40 -23.40 0.48
CA SER B 192 3.01 -23.05 0.72
C SER B 192 2.85 -21.57 0.99
N MET B 193 3.95 -20.90 1.31
CA MET B 193 3.87 -19.47 1.61
C MET B 193 5.16 -18.66 1.48
N LYS B 194 5.06 -17.57 0.73
CA LYS B 194 6.15 -16.63 0.51
C LYS B 194 6.60 -15.92 1.80
N THR B 195 7.91 -15.67 1.90
CA THR B 195 8.47 -14.75 2.88
C THR B 195 7.71 -13.42 2.85
N GLY B 196 7.53 -12.80 4.02
CA GLY B 196 6.86 -11.51 4.11
C GLY B 196 5.35 -11.46 3.86
N SER B 197 4.71 -12.60 3.67
CA SER B 197 3.25 -12.61 3.48
C SER B 197 2.55 -12.02 4.68
N ASN B 198 1.50 -11.24 4.44
CA ASN B 198 0.60 -10.78 5.49
C ASN B 198 -0.52 -11.79 5.70
N VAL B 199 -0.58 -12.35 6.90
CA VAL B 199 -1.38 -13.54 7.13
C VAL B 199 -2.49 -13.27 8.16
N LEU B 200 -3.73 -13.55 7.77
CA LEU B 200 -4.84 -13.54 8.70
C LEU B 200 -5.01 -14.94 9.25
N ILE B 201 -4.87 -15.09 10.56
CA ILE B 201 -5.03 -16.37 11.19
C ILE B 201 -6.51 -16.45 11.62
N ILE B 202 -7.18 -17.52 11.23
CA ILE B 202 -8.57 -17.75 11.62
C ILE B 202 -8.65 -19.08 12.34
N ASP B 203 -9.45 -19.16 13.40
CA ASP B 203 -9.74 -20.45 14.01
C ASP B 203 -11.11 -20.52 14.65
N ASP B 204 -11.59 -21.73 14.91
CA ASP B 204 -12.94 -21.86 15.44
C ASP B 204 -13.00 -21.56 16.95
N PHE B 205 -12.08 -22.10 17.71
CA PHE B 205 -12.21 -22.06 19.15
C PHE B 205 -10.84 -21.89 19.78
N MET B 206 -10.65 -20.78 20.50
CA MET B 206 -9.41 -20.58 21.22
C MET B 206 -9.65 -20.88 22.68
N LYS B 207 -9.07 -21.97 23.14
CA LYS B 207 -9.28 -22.43 24.51
C LYS B 207 -8.19 -21.86 25.39
N ALA B 208 -6.94 -22.29 25.19
CA ALA B 208 -5.84 -21.74 25.97
C ALA B 208 -4.83 -20.94 25.13
N GLY B 209 -4.99 -20.96 23.81
CA GLY B 209 -4.17 -20.12 22.96
C GLY B 209 -2.90 -20.74 22.40
N GLY B 210 -2.57 -21.95 22.83
CA GLY B 210 -1.37 -22.64 22.33
C GLY B 210 -1.37 -22.89 20.82
N THR B 211 -2.54 -23.21 20.26
CA THR B 211 -2.62 -23.49 18.83
C THR B 211 -2.36 -22.23 18.00
N ILE B 212 -3.02 -21.14 18.35
CA ILE B 212 -2.80 -19.89 17.62
C ILE B 212 -1.39 -19.37 17.85
N ASN B 213 -0.90 -19.50 19.08
CA ASN B 213 0.49 -19.19 19.35
C ASN B 213 1.44 -20.05 18.50
N GLY B 214 1.12 -21.34 18.32
CA GLY B 214 1.92 -22.20 17.46
C GLY B 214 1.95 -21.65 16.03
N MET B 215 0.79 -21.18 15.55
CA MET B 215 0.73 -20.61 14.21
C MET B 215 1.54 -19.31 14.08
N ILE B 216 1.51 -18.51 15.13
CA ILE B 216 2.32 -17.30 15.21
C ILE B 216 3.83 -17.63 15.19
N ASN B 217 4.23 -18.63 15.97
CA ASN B 217 5.62 -19.12 15.91
C ASN B 217 5.98 -19.71 14.55
N LEU B 218 5.06 -20.46 13.94
CA LEU B 218 5.30 -20.95 12.57
C LEU B 218 5.54 -19.82 11.55
N LEU B 219 4.73 -18.77 11.61
CA LEU B 219 4.91 -17.64 10.70
C LEU B 219 6.27 -16.95 10.92
N ASP B 220 6.69 -16.85 12.19
CA ASP B 220 7.99 -16.31 12.54
C ASP B 220 9.11 -17.02 11.79
N GLU B 221 8.98 -18.34 11.65
CA GLU B 221 9.95 -19.13 10.88
C GLU B 221 9.93 -18.79 9.38
N PHE B 222 8.76 -18.46 8.86
CA PHE B 222 8.63 -18.08 7.45
C PHE B 222 8.95 -16.61 7.22
N ASN B 223 9.26 -15.89 8.30
CA ASN B 223 9.34 -14.43 8.28
C ASN B 223 8.11 -13.76 7.67
N ALA B 224 6.94 -14.32 7.98
CA ALA B 224 5.68 -13.76 7.54
C ALA B 224 5.11 -12.92 8.68
N ASN B 225 4.11 -12.09 8.38
CA ASN B 225 3.54 -11.18 9.35
C ASN B 225 2.13 -11.58 9.75
N VAL B 226 1.79 -11.36 11.01
CA VAL B 226 0.42 -11.51 11.47
C VAL B 226 -0.35 -10.23 11.14
N ALA B 227 -1.18 -10.26 10.11
CA ALA B 227 -2.01 -9.11 9.76
C ALA B 227 -3.24 -9.03 10.67
N GLY B 228 -3.66 -10.17 11.22
CA GLY B 228 -4.83 -10.18 12.07
C GLY B 228 -5.17 -11.57 12.55
N ILE B 229 -6.05 -11.65 13.53
CA ILE B 229 -6.45 -12.93 14.11
C ILE B 229 -7.93 -12.93 14.42
N GLY B 230 -8.62 -13.95 13.93
CA GLY B 230 -10.05 -14.05 14.18
C GLY B 230 -10.44 -15.43 14.65
N VAL B 231 -11.22 -15.48 15.74
CA VAL B 231 -11.77 -16.75 16.21
C VAL B 231 -13.26 -16.65 16.44
N LEU B 232 -13.97 -17.74 16.17
CA LEU B 232 -15.39 -17.78 16.39
C LEU B 232 -15.71 -17.68 17.89
N VAL B 233 -15.04 -18.50 18.70
CA VAL B 233 -15.30 -18.51 20.13
C VAL B 233 -13.97 -18.50 20.89
N GLU B 234 -13.88 -17.67 21.92
CA GLU B 234 -12.75 -17.72 22.85
C GLU B 234 -13.27 -18.12 24.23
N ALA B 235 -12.51 -18.96 24.93
CA ALA B 235 -12.76 -19.18 26.35
C ALA B 235 -12.17 -18.00 27.12
N GLU B 236 -12.75 -17.68 28.27
CA GLU B 236 -12.19 -16.64 29.14
C GLU B 236 -10.74 -16.93 29.52
N GLY B 237 -9.96 -15.86 29.66
CA GLY B 237 -8.65 -15.95 30.31
C GLY B 237 -7.48 -16.49 29.52
N VAL B 238 -7.52 -16.34 28.19
CA VAL B 238 -6.38 -16.67 27.36
C VAL B 238 -5.16 -15.79 27.71
N ASP B 239 -4.02 -16.43 28.00
CA ASP B 239 -2.80 -15.68 28.31
C ASP B 239 -2.43 -14.74 27.17
N GLU B 240 -2.42 -13.44 27.49
CA GLU B 240 -2.17 -12.40 26.50
C GLU B 240 -0.79 -12.50 25.83
N ARG B 241 0.17 -13.15 26.50
CA ARG B 241 1.47 -13.39 25.88
C ARG B 241 1.38 -14.42 24.76
N LEU B 242 0.41 -15.32 24.87
CA LEU B 242 0.23 -16.35 23.87
C LEU B 242 -0.33 -15.79 22.57
N VAL B 243 -1.34 -14.92 22.69
CA VAL B 243 -2.01 -14.37 21.52
C VAL B 243 -2.15 -12.84 21.55
N ASP B 244 -1.57 -12.16 20.54
CA ASP B 244 -1.62 -10.69 20.42
C ASP B 244 -3.04 -10.12 20.23
N GLU B 245 -3.20 -9.11 19.37
CA GLU B 245 -4.53 -8.59 19.11
C GLU B 245 -5.32 -9.65 18.36
N TYR B 246 -6.57 -9.86 18.75
CA TYR B 246 -7.44 -10.78 18.05
C TYR B 246 -8.88 -10.35 18.21
N MET B 247 -9.71 -10.78 17.28
CA MET B 247 -11.12 -10.55 17.36
C MET B 247 -11.85 -11.85 17.64
N SER B 248 -12.77 -11.82 18.60
CA SER B 248 -13.61 -12.98 18.85
C SER B 248 -15.07 -12.61 18.60
N LEU B 249 -15.85 -13.58 18.10
CA LEU B 249 -17.26 -13.32 17.91
C LEU B 249 -18.00 -13.56 19.21
N LEU B 250 -17.61 -14.64 19.89
CA LEU B 250 -18.28 -15.08 21.11
C LEU B 250 -17.30 -15.44 22.19
N THR B 251 -17.77 -15.32 23.42
CA THR B 251 -16.96 -15.71 24.58
C THR B 251 -17.68 -16.83 25.30
N LEU B 252 -16.97 -17.92 25.52
CA LEU B 252 -17.47 -19.00 26.35
C LEU B 252 -17.04 -18.64 27.77
N SER B 253 -17.91 -17.95 28.49
CA SER B 253 -17.52 -17.29 29.73
C SER B 253 -17.59 -18.21 30.93
N THR B 254 -18.32 -19.30 30.80
CA THR B 254 -18.55 -20.22 31.90
C THR B 254 -19.03 -21.57 31.40
N ILE B 255 -18.33 -22.63 31.79
CA ILE B 255 -18.73 -23.99 31.42
C ILE B 255 -18.49 -24.98 32.55
N ASN B 256 -19.42 -25.90 32.72
CA ASN B 256 -19.31 -26.90 33.79
C ASN B 256 -20.04 -28.18 33.43
N MET B 257 -19.28 -29.23 33.12
CA MET B 257 -19.84 -30.50 32.68
C MET B 257 -20.81 -31.10 33.70
N LYS B 258 -20.39 -31.17 34.96
CA LYS B 258 -21.19 -31.79 36.02
C LYS B 258 -22.48 -31.01 36.33
N GLU B 259 -22.39 -29.68 36.34
CA GLU B 259 -23.58 -28.86 36.54
C GLU B 259 -24.37 -28.74 35.24
N LYS B 260 -23.78 -29.25 34.16
CA LYS B 260 -24.38 -29.15 32.83
C LYS B 260 -24.84 -27.71 32.62
N SER B 261 -23.93 -26.78 32.88
CA SER B 261 -24.24 -25.36 32.76
C SER B 261 -23.30 -24.72 31.76
N ILE B 262 -23.84 -23.81 30.96
CA ILE B 262 -23.04 -23.12 29.96
C ILE B 262 -23.51 -21.69 29.77
N GLU B 263 -22.55 -20.77 29.73
CA GLU B 263 -22.84 -19.35 29.53
C GLU B 263 -21.97 -18.78 28.40
N ILE B 264 -22.61 -18.03 27.51
CA ILE B 264 -21.95 -17.46 26.36
C ILE B 264 -22.32 -15.99 26.27
N GLN B 265 -21.33 -15.16 25.95
CA GLN B 265 -21.54 -13.73 25.80
C GLN B 265 -20.90 -13.33 24.48
N ASN B 266 -21.20 -12.11 24.05
CA ASN B 266 -20.51 -11.49 22.94
C ASN B 266 -19.02 -11.65 23.15
N GLY B 267 -18.28 -11.78 22.06
CA GLY B 267 -16.84 -11.66 22.13
C GLY B 267 -16.49 -10.18 22.10
N ASN B 268 -15.30 -9.86 21.62
CA ASN B 268 -14.84 -8.49 21.61
C ASN B 268 -15.08 -7.78 20.27
N PHE B 269 -15.84 -8.40 19.37
CA PHE B 269 -15.99 -7.91 17.99
C PHE B 269 -16.43 -6.43 17.85
N LEU B 270 -17.19 -5.91 18.81
CA LEU B 270 -17.64 -4.52 18.74
C LEU B 270 -16.48 -3.50 18.80
N ARG B 271 -15.36 -3.86 19.42
CA ARG B 271 -14.18 -3.01 19.40
C ARG B 271 -13.71 -2.76 17.97
N PHE B 272 -14.13 -3.63 17.05
CA PHE B 272 -13.62 -3.59 15.69
C PHE B 272 -14.56 -2.82 14.76
N PHE B 273 -15.67 -2.36 15.32
CA PHE B 273 -16.59 -1.54 14.58
C PHE B 273 -16.42 -0.06 14.95
N LYS C 2 29.85 51.95 -2.95
CA LYS C 2 30.74 51.97 -4.16
C LYS C 2 31.62 50.73 -4.23
N PHE C 3 31.45 49.97 -5.30
CA PHE C 3 32.15 48.70 -5.48
C PHE C 3 33.24 48.79 -6.55
N ARG C 4 34.35 48.12 -6.35
CA ARG C 4 35.29 47.83 -7.45
C ARG C 4 34.63 46.89 -8.45
N ARG C 5 35.08 46.91 -9.71
CA ARG C 5 34.53 46.03 -10.74
C ARG C 5 34.50 44.57 -10.30
N SER C 6 35.61 44.14 -9.71
CA SER C 6 35.82 42.80 -9.17
C SER C 6 34.74 42.37 -8.18
N GLY C 7 34.59 43.15 -7.10
CA GLY C 7 33.59 42.90 -6.09
C GLY C 7 32.20 42.91 -6.68
N ARG C 8 31.99 43.81 -7.64
CA ARG C 8 30.68 43.91 -8.30
C ARG C 8 30.33 42.61 -9.01
N LEU C 9 31.28 42.09 -9.82
CA LEU C 9 31.07 40.80 -10.48
C LEU C 9 30.75 39.68 -9.49
N VAL C 10 31.42 39.69 -8.34
CA VAL C 10 31.25 38.62 -7.39
C VAL C 10 29.88 38.74 -6.74
N ASP C 11 29.53 39.95 -6.34
CA ASP C 11 28.25 40.15 -5.66
C ASP C 11 27.08 39.89 -6.59
N LEU C 12 27.17 40.42 -7.81
CA LEU C 12 26.17 40.17 -8.85
C LEU C 12 25.95 38.68 -9.10
N THR C 13 27.04 37.92 -9.20
CA THR C 13 26.97 36.50 -9.44
C THR C 13 26.21 35.82 -8.31
N ASN C 14 26.58 36.16 -7.08
CA ASN C 14 25.90 35.60 -5.94
C ASN C 14 24.42 35.98 -5.97
N TYR C 15 24.15 37.27 -6.20
CA TYR C 15 22.76 37.74 -6.18
C TYR C 15 21.91 37.02 -7.24
N LEU C 16 22.45 36.89 -8.45
CA LEU C 16 21.70 36.21 -9.53
C LEU C 16 21.44 34.76 -9.16
N LEU C 17 22.49 34.08 -8.65
CA LEU C 17 22.37 32.66 -8.26
C LEU C 17 21.38 32.41 -7.14
N THR C 18 21.25 33.33 -6.20
CA THR C 18 20.31 33.10 -5.10
C THR C 18 18.93 33.66 -5.43
N HIS C 19 18.76 34.23 -6.62
CA HIS C 19 17.44 34.69 -7.06
C HIS C 19 17.09 34.22 -8.49
N PRO C 20 17.06 32.91 -8.73
CA PRO C 20 16.78 32.41 -10.08
C PRO C 20 15.36 32.71 -10.51
N HIS C 21 15.11 32.85 -11.82
CA HIS C 21 13.77 33.04 -12.33
C HIS C 21 13.08 34.25 -11.74
N GLU C 22 13.86 35.26 -11.42
CA GLU C 22 13.27 36.51 -10.92
C GLU C 22 13.80 37.64 -11.79
N LEU C 23 12.89 38.44 -12.33
CA LEU C 23 13.23 39.62 -13.10
C LEU C 23 13.65 40.74 -12.16
N ILE C 24 14.91 41.14 -12.23
CA ILE C 24 15.48 42.12 -11.32
C ILE C 24 15.78 43.36 -12.13
N PRO C 25 15.18 44.50 -11.77
CA PRO C 25 15.43 45.77 -12.49
C PRO C 25 16.89 46.19 -12.40
N LEU C 26 17.42 46.77 -13.47
CA LEU C 26 18.77 47.33 -13.45
C LEU C 26 18.94 48.39 -12.37
N THR C 27 17.92 49.20 -12.15
CA THR C 27 18.00 50.23 -11.13
C THR C 27 18.34 49.65 -9.77
N PHE C 28 17.81 48.46 -9.47
CA PHE C 28 18.19 47.79 -8.23
C PHE C 28 19.72 47.66 -8.12
N PHE C 29 20.34 47.21 -9.21
CA PHE C 29 21.77 46.99 -9.18
C PHE C 29 22.56 48.30 -9.21
N SER C 30 22.05 49.29 -9.93
CA SER C 30 22.84 50.50 -10.11
C SER C 30 22.85 51.30 -8.80
N GLU C 31 21.74 51.27 -8.08
CA GLU C 31 21.70 51.82 -6.71
C GLU C 31 22.61 51.02 -5.75
N ARG C 32 22.57 49.70 -5.87
CA ARG C 32 23.32 48.82 -4.97
C ARG C 32 24.81 49.08 -5.12
N TYR C 33 25.27 49.29 -6.35
CA TYR C 33 26.71 49.41 -6.58
C TYR C 33 27.17 50.82 -6.84
N GLU C 34 26.27 51.79 -6.73
CA GLU C 34 26.58 53.18 -7.06
C GLU C 34 27.30 53.30 -8.42
N SER C 35 26.77 52.59 -9.41
CA SER C 35 27.32 52.60 -10.76
C SER C 35 26.23 52.85 -11.78
N ALA C 36 26.60 53.35 -12.95
CA ALA C 36 25.64 53.53 -14.03
C ALA C 36 25.04 52.20 -14.45
N LYS C 37 23.80 52.23 -14.94
CA LYS C 37 23.14 51.05 -15.47
C LYS C 37 23.93 50.40 -16.60
N SER C 38 24.46 51.22 -17.51
CA SER C 38 25.16 50.67 -18.68
C SER C 38 26.36 49.84 -18.24
N SER C 39 26.97 50.22 -17.13
CA SER C 39 28.12 49.52 -16.57
C SER C 39 27.73 48.18 -15.98
N ILE C 40 26.55 48.16 -15.35
CA ILE C 40 26.00 46.93 -14.84
C ILE C 40 25.69 45.98 -15.99
N SER C 41 25.15 46.54 -17.07
CA SER C 41 24.86 45.75 -18.27
C SER C 41 26.11 45.11 -18.87
N GLU C 42 27.25 45.81 -18.81
CA GLU C 42 28.52 45.21 -19.27
C GLU C 42 28.99 44.09 -18.34
N ASP C 43 28.84 44.27 -17.04
CA ASP C 43 29.05 43.17 -16.08
C ASP C 43 28.18 41.95 -16.42
N LEU C 44 26.91 42.19 -16.70
CA LEU C 44 25.94 41.11 -16.94
C LEU C 44 26.32 40.32 -18.19
N THR C 45 26.85 41.03 -19.18
CA THR C 45 27.39 40.42 -20.39
C THR C 45 28.49 39.42 -20.07
N ILE C 46 29.39 39.79 -19.17
CA ILE C 46 30.45 38.87 -18.76
C ILE C 46 29.89 37.62 -18.05
N ILE C 47 28.96 37.83 -17.13
CA ILE C 47 28.37 36.74 -16.37
C ILE C 47 27.56 35.81 -17.28
N LYS C 48 26.76 36.41 -18.17
CA LYS C 48 26.06 35.65 -19.20
C LYS C 48 26.99 34.70 -19.95
N GLN C 49 28.10 35.24 -20.46
CA GLN C 49 29.04 34.45 -21.24
C GLN C 49 29.66 33.31 -20.43
N THR C 50 30.09 33.61 -19.21
CA THR C 50 30.66 32.58 -18.34
C THR C 50 29.62 31.52 -17.96
N PHE C 51 28.43 31.97 -17.58
CA PHE C 51 27.32 31.08 -17.20
C PHE C 51 27.02 30.12 -18.33
N GLU C 52 27.03 30.61 -19.56
CA GLU C 52 26.73 29.77 -20.71
C GLU C 52 27.87 28.80 -20.98
N GLN C 53 29.09 29.29 -20.94
CA GLN C 53 30.27 28.47 -21.22
C GLN C 53 30.47 27.37 -20.18
N GLN C 54 30.14 27.67 -18.93
CA GLN C 54 30.36 26.74 -17.84
C GLN C 54 29.14 25.87 -17.59
N GLY C 55 28.09 26.08 -18.39
CA GLY C 55 26.88 25.29 -18.25
C GLY C 55 26.13 25.59 -16.95
N ILE C 56 26.25 26.81 -16.46
CA ILE C 56 25.57 27.24 -15.24
C ILE C 56 24.12 27.59 -15.58
N GLY C 57 23.94 28.30 -16.69
CA GLY C 57 22.61 28.70 -17.08
C GLY C 57 22.67 29.86 -18.04
N THR C 58 21.60 30.62 -18.11
CA THR C 58 21.67 31.80 -18.93
C THR C 58 21.04 33.04 -18.29
N LEU C 59 21.37 34.20 -18.82
CA LEU C 59 20.79 35.44 -18.33
C LEU C 59 19.98 35.96 -19.47
N LEU C 60 18.73 36.32 -19.19
CA LEU C 60 17.90 37.00 -20.18
C LEU C 60 17.80 38.45 -19.76
N THR C 61 17.96 39.37 -20.71
CA THR C 61 17.82 40.79 -20.38
C THR C 61 16.69 41.47 -21.15
N VAL C 62 16.08 42.44 -20.49
CA VAL C 62 15.08 43.31 -21.08
C VAL C 62 15.73 44.69 -21.11
N PRO C 63 15.72 45.36 -22.26
CA PRO C 63 16.38 46.66 -22.41
C PRO C 63 15.48 47.79 -21.94
N GLY C 64 15.95 49.03 -22.12
CA GLY C 64 15.09 50.20 -22.04
C GLY C 64 14.89 50.83 -20.67
N ALA C 65 13.76 51.50 -20.51
CA ALA C 65 13.45 52.27 -19.30
C ALA C 65 13.32 51.38 -18.06
N ALA C 66 12.42 50.41 -18.10
CA ALA C 66 12.34 49.42 -17.04
C ALA C 66 13.21 48.19 -17.35
N GLY C 67 14.44 48.41 -17.81
CA GLY C 67 15.36 47.30 -18.05
C GLY C 67 15.56 46.36 -16.85
N GLY C 68 15.81 45.09 -17.14
CA GLY C 68 16.03 44.11 -16.10
C GLY C 68 16.71 42.84 -16.57
N VAL C 69 17.06 42.01 -15.60
CA VAL C 69 17.74 40.77 -15.92
C VAL C 69 17.17 39.60 -15.12
N LYS C 70 17.13 38.44 -15.74
CA LYS C 70 16.62 37.22 -15.13
C LYS C 70 17.62 36.07 -15.36
N TYR C 71 17.95 35.36 -14.29
CA TYR C 71 18.83 34.19 -14.41
C TYR C 71 18.02 32.90 -14.49
N ILE C 72 18.30 32.10 -15.53
CA ILE C 72 17.63 30.81 -15.73
C ILE C 72 18.69 29.72 -15.57
N PRO C 73 18.58 28.95 -14.51
CA PRO C 73 19.44 27.76 -14.37
C PRO C 73 19.14 26.80 -15.53
N LYS C 74 20.20 26.31 -16.17
CA LYS C 74 20.07 25.39 -17.29
C LYS C 74 21.19 24.39 -17.18
N MET C 75 20.93 23.15 -17.60
CA MET C 75 21.97 22.14 -17.65
C MET C 75 22.21 21.74 -19.09
N LYS C 76 23.47 21.70 -19.48
CA LYS C 76 23.85 21.26 -20.81
C LYS C 76 23.63 19.75 -20.95
N GLN C 77 23.28 19.34 -22.16
CA GLN C 77 22.98 17.92 -22.42
C GLN C 77 24.13 17.00 -21.99
N ALA C 78 25.36 17.40 -22.31
CA ALA C 78 26.53 16.59 -21.97
C ALA C 78 26.67 16.36 -20.47
N GLU C 79 26.39 17.37 -19.65
CA GLU C 79 26.43 17.17 -18.21
C GLU C 79 25.25 16.35 -17.69
N ALA C 80 24.07 16.56 -18.27
CA ALA C 80 22.91 15.76 -17.87
C ALA C 80 23.22 14.29 -18.13
N GLU C 81 23.70 14.01 -19.34
CA GLU C 81 24.04 12.65 -19.77
C GLU C 81 25.07 12.01 -18.86
N GLU C 82 26.14 12.74 -18.57
CA GLU C 82 27.18 12.21 -17.69
C GLU C 82 26.66 11.96 -16.27
N PHE C 83 25.81 12.86 -15.77
CA PHE C 83 25.36 12.75 -14.39
C PHE C 83 24.33 11.61 -14.26
N VAL C 84 23.47 11.47 -15.25
CA VAL C 84 22.50 10.38 -15.23
C VAL C 84 23.19 9.02 -15.38
N GLN C 85 24.22 8.96 -16.22
CA GLN C 85 25.01 7.72 -16.34
C GLN C 85 25.63 7.34 -14.99
N THR C 86 26.32 8.27 -14.34
CA THR C 86 26.96 8.00 -13.06
C THR C 86 25.96 7.59 -11.98
N LEU C 87 24.83 8.29 -11.94
CA LEU C 87 23.78 7.97 -11.01
C LEU C 87 23.26 6.57 -11.28
N GLY C 88 22.97 6.28 -12.55
CA GLY C 88 22.50 4.98 -12.94
C GLY C 88 23.45 3.87 -12.53
N GLN C 89 24.74 4.13 -12.66
CA GLN C 89 25.74 3.12 -12.28
C GLN C 89 25.67 2.81 -10.78
N SER C 90 25.59 3.86 -9.97
CA SER C 90 25.56 3.68 -8.53
C SER C 90 24.29 2.97 -8.06
N LEU C 91 23.22 3.08 -8.84
CA LEU C 91 21.97 2.39 -8.52
C LEU C 91 21.99 0.93 -8.93
N ALA C 92 22.91 0.57 -9.85
CA ALA C 92 23.01 -0.79 -10.37
C ALA C 92 23.70 -1.76 -9.41
N ASN C 93 23.44 -1.56 -8.12
CA ASN C 93 24.07 -2.33 -7.06
C ASN C 93 23.10 -3.37 -6.53
N PRO C 94 23.46 -4.65 -6.65
CA PRO C 94 22.60 -5.75 -6.20
C PRO C 94 22.13 -5.60 -4.75
N GLU C 95 22.89 -4.87 -3.94
CA GLU C 95 22.51 -4.61 -2.55
C GLU C 95 21.20 -3.80 -2.47
N ARG C 96 20.93 -3.00 -3.49
CA ARG C 96 19.77 -2.12 -3.48
C ARG C 96 18.46 -2.82 -3.84
N ILE C 97 18.51 -4.11 -4.16
CA ILE C 97 17.30 -4.81 -4.57
C ILE C 97 16.30 -4.95 -3.43
N LEU C 98 15.09 -4.43 -3.63
CA LEU C 98 14.02 -4.54 -2.64
C LEU C 98 12.89 -5.45 -3.14
N PRO C 99 12.29 -6.21 -2.24
CA PRO C 99 11.16 -7.08 -2.59
C PRO C 99 10.11 -6.33 -3.41
N GLY C 100 9.48 -7.01 -4.36
CA GLY C 100 8.42 -6.42 -5.16
C GLY C 100 8.90 -5.70 -6.40
N GLY C 101 10.20 -5.71 -6.63
CA GLY C 101 10.79 -5.05 -7.79
C GLY C 101 11.13 -3.58 -7.54
N TYR C 102 11.51 -3.28 -6.31
CA TYR C 102 11.87 -1.91 -5.93
C TYR C 102 13.39 -1.77 -5.76
N VAL C 103 13.87 -0.53 -5.75
CA VAL C 103 15.28 -0.22 -5.56
C VAL C 103 15.48 0.69 -4.36
N TYR C 104 16.46 0.36 -3.52
CA TYR C 104 16.80 1.24 -2.41
C TYR C 104 17.31 2.56 -2.97
N LEU C 105 16.62 3.65 -2.64
CA LEU C 105 16.95 4.99 -3.13
C LEU C 105 17.11 5.97 -1.98
N THR C 106 16.77 5.53 -0.77
CA THR C 106 16.74 6.41 0.39
C THR C 106 18.05 7.19 0.64
N ASP C 107 19.20 6.57 0.41
CA ASP C 107 20.46 7.28 0.62
C ASP C 107 20.64 8.38 -0.42
N ILE C 108 20.28 8.08 -1.67
CA ILE C 108 20.41 9.02 -2.78
C ILE C 108 19.45 10.21 -2.60
N LEU C 109 18.22 9.91 -2.20
CA LEU C 109 17.21 10.94 -1.99
C LEU C 109 17.49 11.85 -0.78
N GLY C 110 18.55 11.55 -0.03
CA GLY C 110 18.93 12.38 1.10
C GLY C 110 20.22 13.18 0.90
N LYS C 111 20.87 12.98 -0.23
CA LYS C 111 22.19 13.55 -0.47
C LYS C 111 22.09 14.87 -1.26
N PRO C 112 22.73 15.92 -0.74
CA PRO C 112 22.55 17.28 -1.27
C PRO C 112 23.17 17.42 -2.67
N SER C 113 24.36 16.87 -2.83
CA SER C 113 25.04 16.81 -4.13
C SER C 113 24.15 16.21 -5.20
N VAL C 114 23.52 15.09 -4.90
CA VAL C 114 22.71 14.40 -5.89
C VAL C 114 21.45 15.19 -6.22
N LEU C 115 20.71 15.54 -5.17
CA LEU C 115 19.46 16.27 -5.30
C LEU C 115 19.59 17.59 -6.02
N SER C 116 20.64 18.32 -5.73
CA SER C 116 20.88 19.59 -6.38
C SER C 116 20.98 19.39 -7.91
N LYS C 117 21.70 18.36 -8.34
CA LYS C 117 21.78 18.05 -9.77
C LYS C 117 20.45 17.60 -10.36
N VAL C 118 19.74 16.72 -9.69
CA VAL C 118 18.46 16.24 -10.21
C VAL C 118 17.46 17.39 -10.30
N GLY C 119 17.46 18.24 -9.29
CA GLY C 119 16.55 19.38 -9.27
C GLY C 119 16.83 20.36 -10.39
N LYS C 120 18.13 20.62 -10.61
CA LYS C 120 18.56 21.52 -11.66
C LYS C 120 18.20 20.96 -13.02
N LEU C 121 18.47 19.68 -13.25
CA LEU C 121 18.10 19.05 -14.50
C LEU C 121 16.59 19.20 -14.78
N PHE C 122 15.74 18.91 -13.79
CA PHE C 122 14.29 19.11 -13.93
C PHE C 122 13.98 20.56 -14.22
N ALA C 123 14.58 21.45 -13.46
CA ALA C 123 14.31 22.87 -13.63
C ALA C 123 14.77 23.29 -15.00
N SER C 124 15.89 22.73 -15.44
CA SER C 124 16.40 23.04 -16.78
C SER C 124 15.44 22.57 -17.88
N VAL C 125 14.98 21.33 -17.79
CA VAL C 125 14.09 20.82 -18.84
C VAL C 125 12.76 21.61 -18.88
N PHE C 126 12.21 21.89 -17.71
CA PHE C 126 10.92 22.57 -17.63
C PHE C 126 11.01 24.09 -17.49
N ALA C 127 12.21 24.66 -17.71
CA ALA C 127 12.47 26.08 -17.49
C ALA C 127 11.52 27.04 -18.21
N GLU C 128 10.96 26.59 -19.34
CA GLU C 128 10.19 27.49 -20.18
C GLU C 128 8.69 27.30 -20.05
N ARG C 129 8.27 26.30 -19.29
CA ARG C 129 6.84 26.15 -19.00
C ARG C 129 6.51 27.19 -17.95
N GLU C 130 5.24 27.42 -17.70
CA GLU C 130 4.90 28.53 -16.82
C GLU C 130 4.54 28.03 -15.43
N ILE C 131 5.46 27.28 -14.83
CA ILE C 131 5.18 26.60 -13.58
C ILE C 131 4.84 27.58 -12.45
N ASP C 132 3.77 27.32 -11.70
CA ASP C 132 3.52 28.12 -10.50
C ASP C 132 3.91 27.36 -9.25
N VAL C 133 3.98 26.04 -9.34
CA VAL C 133 4.06 25.21 -8.16
C VAL C 133 4.67 23.89 -8.55
N VAL C 134 5.48 23.30 -7.67
CA VAL C 134 5.94 21.94 -7.85
C VAL C 134 5.15 21.07 -6.84
N MET C 135 4.64 19.93 -7.30
CA MET C 135 3.82 19.06 -6.47
C MET C 135 4.41 17.65 -6.37
N THR C 136 4.35 17.09 -5.16
CA THR C 136 4.62 15.69 -4.98
C THR C 136 3.79 15.15 -3.84
N VAL C 137 3.84 13.83 -3.65
CA VAL C 137 3.13 13.16 -2.60
C VAL C 137 4.17 12.76 -1.55
N ALA C 138 3.83 12.97 -0.29
CA ALA C 138 4.65 12.47 0.81
C ALA C 138 4.96 10.99 0.57
N THR C 139 6.16 10.54 0.92
CA THR C 139 7.11 11.28 1.71
C THR C 139 8.46 11.34 1.00
N LYS C 140 8.86 10.21 0.40
CA LYS C 140 10.20 10.05 -0.15
C LYS C 140 10.58 11.07 -1.21
N GLY C 141 9.63 11.44 -2.05
CA GLY C 141 9.87 12.39 -3.11
C GLY C 141 9.95 13.88 -2.73
N ILE C 142 9.72 14.20 -1.47
CA ILE C 142 9.66 15.63 -1.06
C ILE C 142 10.95 16.43 -1.36
N PRO C 143 12.10 15.89 -0.95
CA PRO C 143 13.39 16.53 -1.23
C PRO C 143 13.63 16.75 -2.72
N LEU C 144 13.23 15.80 -3.55
CA LEU C 144 13.30 16.00 -5.00
C LEU C 144 12.49 17.21 -5.45
N ALA C 145 11.26 17.31 -4.96
CA ALA C 145 10.34 18.36 -5.38
C ALA C 145 10.89 19.71 -4.91
N TYR C 146 11.34 19.74 -3.68
CA TYR C 146 11.90 20.96 -3.14
C TYR C 146 13.15 21.40 -3.92
N ALA C 147 13.99 20.44 -4.28
CA ALA C 147 15.20 20.80 -5.02
C ALA C 147 14.82 21.45 -6.37
N ALA C 148 13.88 20.85 -7.07
CA ALA C 148 13.45 21.40 -8.36
C ALA C 148 12.82 22.76 -8.16
N ALA C 149 11.96 22.87 -7.14
CA ALA C 149 11.27 24.11 -6.82
C ALA C 149 12.22 25.25 -6.49
N SER C 150 13.35 24.93 -5.86
CA SER C 150 14.30 25.97 -5.49
C SER C 150 15.00 26.57 -6.71
N TYR C 151 15.18 25.77 -7.76
CA TYR C 151 15.76 26.32 -8.99
C TYR C 151 14.73 27.13 -9.80
N LEU C 152 13.48 26.73 -9.68
CA LEU C 152 12.41 27.32 -10.49
C LEU C 152 11.89 28.52 -9.71
N ASN C 153 12.28 28.58 -8.44
CA ASN C 153 11.76 29.57 -7.52
C ASN C 153 10.23 29.59 -7.39
N VAL C 154 9.62 28.44 -7.14
CA VAL C 154 8.19 28.39 -6.87
C VAL C 154 7.96 27.56 -5.62
N PRO C 155 6.80 27.72 -5.00
CA PRO C 155 6.45 26.89 -3.84
C PRO C 155 6.43 25.39 -4.14
N VAL C 156 6.74 24.57 -3.14
CA VAL C 156 6.48 23.15 -3.21
C VAL C 156 5.18 22.88 -2.48
N VAL C 157 4.33 22.06 -3.07
CA VAL C 157 3.07 21.65 -2.47
C VAL C 157 3.06 20.15 -2.21
N ILE C 158 2.78 19.75 -0.97
CA ILE C 158 2.91 18.35 -0.58
C ILE C 158 1.55 17.68 -0.37
N VAL C 159 1.23 16.72 -1.22
CA VAL C 159 -0.02 15.98 -1.13
C VAL C 159 0.08 14.91 -0.03
N ARG C 160 -0.93 14.84 0.82
CA ARG C 160 -0.99 13.83 1.86
C ARG C 160 -1.34 12.47 1.26
N LYS C 161 -0.52 11.47 1.54
CA LYS C 161 -0.81 10.10 1.13
C LYS C 161 -1.73 9.52 2.20
N ASP C 162 -1.78 10.24 3.32
CA ASP C 162 -2.51 9.91 4.54
C ASP C 162 -4.01 9.63 4.37
N ASN C 163 -4.78 10.16 5.31
CA ASN C 163 -6.25 10.13 5.28
C ASN C 163 -6.90 8.77 5.09
N GLU C 167 -14.21 16.44 4.03
CA GLU C 167 -14.28 17.66 4.81
C GLU C 167 -14.85 18.85 4.02
N GLY C 168 -14.69 18.82 2.70
CA GLY C 168 -15.18 19.90 1.86
C GLY C 168 -14.16 21.02 1.73
N SER C 169 -13.32 21.19 2.75
CA SER C 169 -12.23 22.14 2.69
C SER C 169 -10.97 21.41 2.20
N THR C 170 -11.17 20.16 1.76
CA THR C 170 -10.07 19.28 1.42
C THR C 170 -10.47 18.41 0.23
N VAL C 171 -9.56 18.29 -0.74
CA VAL C 171 -9.81 17.45 -1.91
C VAL C 171 -9.18 16.07 -1.70
N SER C 172 -9.99 15.04 -1.83
CA SER C 172 -9.51 13.67 -1.69
C SER C 172 -9.69 12.90 -3.00
N ILE C 173 -8.71 12.08 -3.33
CA ILE C 173 -8.73 11.33 -4.58
C ILE C 173 -8.29 9.90 -4.27
N ASN C 174 -9.04 8.91 -4.71
CA ASN C 174 -8.64 7.53 -4.52
C ASN C 174 -7.63 7.12 -5.59
N TYR C 175 -6.67 6.29 -5.20
CA TYR C 175 -5.67 5.78 -6.13
C TYR C 175 -5.03 4.50 -5.61
N VAL C 176 -4.34 3.83 -6.51
CA VAL C 176 -3.63 2.60 -6.21
C VAL C 176 -2.15 2.83 -6.50
N SER C 177 -1.30 2.61 -5.52
CA SER C 177 0.14 2.70 -5.77
C SER C 177 0.69 1.31 -6.03
N GLY C 178 1.96 1.24 -6.42
CA GLY C 178 2.57 -0.04 -6.73
C GLY C 178 2.87 -0.93 -5.53
N SER C 179 2.95 -0.33 -4.34
CA SER C 179 3.38 -1.06 -3.14
C SER C 179 2.28 -1.88 -2.46
N SER C 180 1.02 -1.67 -2.88
CA SER C 180 -0.10 -2.48 -2.39
C SER C 180 -1.27 -2.45 -3.35
N ASN C 181 -2.11 -3.47 -3.29
CA ASN C 181 -3.33 -3.51 -4.10
C ASN C 181 -4.45 -2.69 -3.47
N ARG C 182 -4.23 -2.26 -2.22
CA ARG C 182 -5.25 -1.52 -1.48
C ARG C 182 -5.43 -0.09 -1.98
N ILE C 183 -6.67 0.36 -2.00
CA ILE C 183 -6.92 1.71 -2.46
C ILE C 183 -6.52 2.68 -1.38
N GLN C 184 -5.71 3.68 -1.76
CA GLN C 184 -5.35 4.73 -0.84
C GLN C 184 -6.01 6.04 -1.27
N THR C 185 -5.93 7.04 -0.41
CA THR C 185 -6.56 8.32 -0.64
C THR C 185 -5.53 9.41 -0.41
N MET C 186 -5.16 10.11 -1.47
CA MET C 186 -4.29 11.26 -1.33
C MET C 186 -5.15 12.51 -1.16
N SER C 187 -4.63 13.52 -0.45
CA SER C 187 -5.43 14.73 -0.26
C SER C 187 -4.63 16.02 -0.14
N LEU C 188 -5.32 17.13 -0.34
CA LEU C 188 -4.71 18.45 -0.33
C LEU C 188 -5.78 19.43 0.13
N ALA C 189 -5.46 20.25 1.13
CA ALA C 189 -6.37 21.29 1.56
C ALA C 189 -6.62 22.27 0.40
N LYS C 190 -7.86 22.70 0.25
CA LYS C 190 -8.19 23.66 -0.81
C LYS C 190 -7.39 24.95 -0.71
N ARG C 191 -6.99 25.31 0.51
CA ARG C 191 -6.25 26.55 0.72
C ARG C 191 -4.77 26.41 0.39
N SER C 192 -4.33 25.17 0.18
CA SER C 192 -2.91 24.89 -0.04
C SER C 192 -2.46 25.20 -1.44
N MET C 193 -3.41 25.36 -2.36
CA MET C 193 -3.05 25.62 -3.74
C MET C 193 -4.10 26.44 -4.47
N LYS C 194 -3.64 27.40 -5.27
CA LYS C 194 -4.54 28.26 -6.04
C LYS C 194 -5.11 27.54 -7.26
N THR C 195 -6.38 27.82 -7.55
CA THR C 195 -7.03 27.28 -8.75
C THR C 195 -6.43 27.91 -10.01
N GLY C 196 -6.43 27.17 -11.12
CA GLY C 196 -5.77 27.63 -12.33
C GLY C 196 -4.25 27.45 -12.35
N SER C 197 -3.68 26.92 -11.27
CA SER C 197 -2.21 26.80 -11.17
C SER C 197 -1.62 25.92 -12.28
N ASN C 198 -0.41 26.26 -12.73
CA ASN C 198 0.36 25.41 -13.61
C ASN C 198 1.30 24.60 -12.75
N VAL C 199 1.15 23.28 -12.78
CA VAL C 199 1.81 22.47 -11.78
C VAL C 199 2.79 21.50 -12.40
N LEU C 200 4.00 21.47 -11.87
CA LEU C 200 5.00 20.47 -12.26
C LEU C 200 4.92 19.35 -11.24
N ILE C 201 4.63 18.13 -11.70
CA ILE C 201 4.50 17.00 -10.80
C ILE C 201 5.85 16.29 -10.74
N ILE C 202 6.35 16.03 -9.54
CA ILE C 202 7.61 15.32 -9.38
C ILE C 202 7.44 14.03 -8.57
N ASP C 203 8.10 12.97 -9.01
CA ASP C 203 8.08 11.71 -8.28
C ASP C 203 9.44 11.05 -8.30
N ASP C 204 9.74 10.27 -7.26
CA ASP C 204 11.02 9.58 -7.18
C ASP C 204 11.00 8.32 -8.06
N PHE C 205 9.96 7.52 -7.91
CA PHE C 205 9.90 6.22 -8.56
C PHE C 205 8.49 5.93 -9.05
N MET C 206 8.33 5.86 -10.37
CA MET C 206 7.06 5.50 -10.97
C MET C 206 7.03 4.01 -11.28
N LYS C 207 6.26 3.25 -10.49
CA LYS C 207 6.11 1.81 -10.70
C LYS C 207 5.09 1.56 -11.79
N ALA C 208 3.82 1.82 -11.48
CA ALA C 208 2.74 1.56 -12.42
C ALA C 208 2.06 2.85 -12.90
N GLY C 209 2.29 3.95 -12.18
CA GLY C 209 1.73 5.24 -12.57
C GLY C 209 0.46 5.66 -11.84
N GLY C 210 -0.04 4.83 -10.94
CA GLY C 210 -1.24 5.16 -10.18
C GLY C 210 -1.10 6.43 -9.35
N THR C 211 0.06 6.62 -8.72
CA THR C 211 0.32 7.80 -7.90
C THR C 211 0.32 9.09 -8.70
N ILE C 212 1.03 9.08 -9.82
CA ILE C 212 1.07 10.27 -10.64
C ILE C 212 -0.32 10.55 -11.21
N ASN C 213 -1.03 9.50 -11.58
CA ASN C 213 -2.41 9.65 -12.05
C ASN C 213 -3.34 10.21 -10.98
N GLY C 214 -3.12 9.81 -9.73
CA GLY C 214 -3.87 10.39 -8.62
C GLY C 214 -3.65 11.89 -8.54
N MET C 215 -2.38 12.31 -8.61
CA MET C 215 -2.08 13.74 -8.58
C MET C 215 -2.71 14.45 -9.78
N ILE C 216 -2.63 13.86 -10.97
CA ILE C 216 -3.30 14.44 -12.14
C ILE C 216 -4.79 14.62 -11.89
N ASN C 217 -5.40 13.61 -11.29
CA ASN C 217 -6.83 13.67 -10.99
C ASN C 217 -7.12 14.69 -9.90
N LEU C 218 -6.25 14.73 -8.89
CA LEU C 218 -6.36 15.75 -7.85
C LEU C 218 -6.39 17.15 -8.46
N LEU C 219 -5.51 17.39 -9.44
CA LEU C 219 -5.39 18.70 -10.07
C LEU C 219 -6.66 19.12 -10.79
N ASP C 220 -7.34 18.14 -11.38
CA ASP C 220 -8.68 18.35 -11.96
C ASP C 220 -9.65 19.03 -11.00
N GLU C 221 -9.61 18.61 -9.73
CA GLU C 221 -10.51 19.17 -8.73
C GLU C 221 -10.17 20.62 -8.40
N PHE C 222 -8.92 21.01 -8.63
CA PHE C 222 -8.52 22.38 -8.40
C PHE C 222 -8.62 23.20 -9.66
N ASN C 223 -9.14 22.60 -10.73
CA ASN C 223 -9.02 23.20 -12.06
C ASN C 223 -7.60 23.69 -12.36
N ALA C 224 -6.60 22.95 -11.90
CA ALA C 224 -5.21 23.29 -12.16
C ALA C 224 -4.71 22.49 -13.37
N ASN C 225 -3.57 22.91 -13.93
CA ASN C 225 -3.05 22.29 -15.14
C ASN C 225 -1.77 21.55 -14.89
N VAL C 226 -1.58 20.44 -15.60
CA VAL C 226 -0.32 19.71 -15.54
C VAL C 226 0.68 20.38 -16.49
N ALA C 227 1.69 21.03 -15.92
CA ALA C 227 2.65 21.76 -16.74
C ALA C 227 3.73 20.81 -17.22
N GLY C 228 3.93 19.73 -16.48
CA GLY C 228 5.00 18.79 -16.75
C GLY C 228 5.03 17.74 -15.65
N ILE C 229 5.73 16.65 -15.91
CA ILE C 229 5.84 15.56 -14.95
C ILE C 229 7.27 15.04 -15.04
N GLY C 230 7.95 14.94 -13.91
CA GLY C 230 9.29 14.44 -13.96
C GLY C 230 9.45 13.37 -12.90
N VAL C 231 10.15 12.30 -13.27
CA VAL C 231 10.40 11.22 -12.33
C VAL C 231 11.85 10.80 -12.39
N LEU C 232 12.43 10.51 -11.24
CA LEU C 232 13.81 10.07 -11.19
C LEU C 232 13.98 8.70 -11.85
N VAL C 233 13.21 7.73 -11.38
CA VAL C 233 13.27 6.38 -11.92
C VAL C 233 11.88 5.88 -12.34
N GLU C 234 11.78 5.37 -13.57
CA GLU C 234 10.57 4.67 -13.98
C GLU C 234 10.82 3.17 -14.14
N ALA C 235 9.90 2.37 -13.63
CA ALA C 235 9.94 0.94 -13.89
C ALA C 235 9.55 0.69 -15.34
N GLU C 236 10.36 -0.09 -16.04
CA GLU C 236 9.97 -0.63 -17.34
C GLU C 236 8.67 -1.42 -17.12
N GLY C 237 7.73 -1.27 -18.03
CA GLY C 237 6.46 -1.96 -17.85
C GLY C 237 5.37 -1.05 -17.29
N VAL C 238 5.73 0.20 -17.01
CA VAL C 238 4.73 1.22 -16.80
C VAL C 238 3.95 1.29 -18.10
N ASP C 239 2.63 1.17 -18.00
CA ASP C 239 1.78 1.27 -19.19
C ASP C 239 1.64 2.73 -19.61
N GLU C 240 2.42 3.10 -20.63
CA GLU C 240 2.57 4.51 -21.00
C GLU C 240 1.30 5.13 -21.56
N ARG C 241 0.29 4.31 -21.83
CA ARG C 241 -1.00 4.80 -22.27
C ARG C 241 -1.86 5.26 -21.09
N LEU C 242 -1.54 4.77 -19.89
CA LEU C 242 -2.29 5.16 -18.70
C LEU C 242 -1.70 6.38 -17.99
N VAL C 243 -0.70 7.01 -18.60
CA VAL C 243 -0.12 8.25 -18.06
C VAL C 243 0.17 9.19 -19.23
N ASP C 244 0.07 10.49 -19.01
CA ASP C 244 0.43 11.43 -20.09
C ASP C 244 1.94 11.62 -20.16
N GLU C 245 2.38 12.59 -20.95
CA GLU C 245 3.81 12.85 -21.13
C GLU C 245 4.51 13.08 -19.79
N TYR C 246 5.64 12.43 -19.62
CA TYR C 246 6.45 12.63 -18.45
C TYR C 246 7.89 12.48 -18.85
N MET C 247 8.80 13.10 -18.12
CA MET C 247 10.22 12.85 -18.32
C MET C 247 10.79 11.95 -17.22
N SER C 248 11.53 10.94 -17.62
CA SER C 248 12.19 10.07 -16.66
C SER C 248 13.70 10.14 -16.85
N LEU C 249 14.44 10.14 -15.75
CA LEU C 249 15.90 10.19 -15.83
C LEU C 249 16.47 8.82 -16.06
N LEU C 250 15.98 7.86 -15.27
CA LEU C 250 16.46 6.50 -15.33
C LEU C 250 15.32 5.52 -15.50
N THR C 251 15.61 4.38 -16.13
CA THR C 251 14.64 3.32 -16.30
C THR C 251 15.13 2.06 -15.60
N LEU C 252 14.31 1.52 -14.71
CA LEU C 252 14.68 0.30 -14.00
C LEU C 252 14.06 -0.90 -14.70
N SER C 253 14.89 -1.79 -15.23
CA SER C 253 14.38 -2.99 -15.87
C SER C 253 13.86 -3.95 -14.82
N THR C 254 12.73 -4.62 -15.11
CA THR C 254 12.12 -5.53 -14.15
C THR C 254 13.18 -6.43 -13.50
N ILE C 255 13.15 -6.50 -12.17
CA ILE C 255 14.23 -7.11 -11.40
C ILE C 255 14.22 -8.64 -11.45
N ASN C 256 15.40 -9.22 -11.20
CA ASN C 256 15.63 -10.67 -11.29
C ASN C 256 14.56 -11.56 -10.67
N MET C 257 14.34 -12.71 -11.30
CA MET C 257 13.38 -13.69 -10.81
C MET C 257 14.08 -14.81 -10.04
N LYS C 258 15.42 -14.82 -10.05
CA LYS C 258 16.16 -15.89 -9.39
C LYS C 258 17.69 -15.71 -9.33
N GLU C 259 18.21 -14.58 -9.82
CA GLU C 259 19.65 -14.38 -9.85
C GLU C 259 20.09 -12.94 -9.53
N LYS C 260 19.73 -12.47 -8.33
CA LYS C 260 20.07 -11.13 -7.83
C LYS C 260 20.72 -10.19 -8.84
N SER C 261 19.96 -9.77 -9.84
CA SER C 261 20.48 -8.86 -10.86
C SER C 261 19.59 -7.65 -11.02
N ILE C 262 20.19 -6.53 -11.43
CA ILE C 262 19.45 -5.30 -11.63
C ILE C 262 19.99 -4.53 -12.83
N GLU C 263 19.12 -4.23 -13.79
CA GLU C 263 19.54 -3.44 -14.95
C GLU C 263 18.89 -2.07 -14.94
N ILE C 264 19.73 -1.04 -15.02
CA ILE C 264 19.27 0.33 -15.08
C ILE C 264 19.84 1.00 -16.32
N GLN C 265 18.97 1.60 -17.12
CA GLN C 265 19.40 2.34 -18.29
C GLN C 265 18.81 3.75 -18.29
N ASN C 266 19.22 4.56 -19.26
CA ASN C 266 18.69 5.91 -19.39
C ASN C 266 17.17 5.89 -19.42
N GLY C 267 16.56 6.93 -18.85
CA GLY C 267 15.15 7.19 -19.05
C GLY C 267 14.99 7.85 -20.40
N ASN C 268 13.94 8.65 -20.54
CA ASN C 268 13.64 9.25 -21.83
C ASN C 268 14.05 10.70 -21.87
N PHE C 269 14.78 11.16 -20.84
CA PHE C 269 15.16 12.58 -20.76
C PHE C 269 15.78 13.18 -22.02
N LEU C 270 16.47 12.38 -22.82
CA LEU C 270 17.17 12.92 -24.00
C LEU C 270 16.21 13.53 -25.03
N ARG C 271 14.99 13.00 -25.12
CA ARG C 271 13.97 13.59 -25.96
C ARG C 271 13.71 15.04 -25.55
N PHE C 272 13.85 15.30 -24.25
CA PHE C 272 13.61 16.63 -23.70
C PHE C 272 14.80 17.60 -23.87
N PHE C 273 15.86 17.18 -24.55
CA PHE C 273 16.94 18.10 -24.90
C PHE C 273 16.96 18.38 -26.40
N LYS D 2 41.40 28.29 -21.77
CA LYS D 2 41.22 29.77 -21.92
C LYS D 2 40.13 30.31 -21.00
N PHE D 3 40.55 30.98 -19.93
CA PHE D 3 39.62 31.68 -19.05
C PHE D 3 40.10 33.13 -18.94
N ARG D 4 39.40 34.07 -19.56
CA ARG D 4 39.66 35.48 -19.31
C ARG D 4 39.50 35.71 -17.82
N ARG D 5 40.25 36.64 -17.24
CA ARG D 5 40.28 36.76 -15.77
C ARG D 5 38.92 37.04 -15.13
N SER D 6 38.05 37.73 -15.86
CA SER D 6 36.73 38.07 -15.32
C SER D 6 35.84 36.85 -15.26
N GLY D 7 35.89 36.02 -16.29
CA GLY D 7 35.12 34.80 -16.29
C GLY D 7 35.57 33.96 -15.12
N ARG D 8 36.87 33.99 -14.84
CA ARG D 8 37.41 33.16 -13.77
C ARG D 8 36.83 33.58 -12.41
N LEU D 9 36.71 34.90 -12.19
CA LEU D 9 36.08 35.41 -10.97
C LEU D 9 34.64 34.89 -10.84
N VAL D 10 33.89 34.93 -11.93
CA VAL D 10 32.48 34.53 -11.89
C VAL D 10 32.38 33.04 -11.64
N ASP D 11 33.21 32.27 -12.34
CA ASP D 11 33.18 30.82 -12.20
C ASP D 11 33.58 30.37 -10.80
N LEU D 12 34.67 30.94 -10.31
CA LEU D 12 35.14 30.69 -8.97
C LEU D 12 34.02 30.89 -7.96
N THR D 13 33.33 32.02 -8.08
CA THR D 13 32.25 32.37 -7.19
C THR D 13 31.13 31.30 -7.22
N ASN D 14 30.70 30.92 -8.42
CA ASN D 14 29.69 29.87 -8.54
C ASN D 14 30.20 28.58 -7.93
N TYR D 15 31.47 28.28 -8.15
CA TYR D 15 32.00 27.01 -7.69
C TYR D 15 31.97 26.93 -6.17
N LEU D 16 32.40 28.02 -5.52
CA LEU D 16 32.44 28.07 -4.08
C LEU D 16 31.04 27.99 -3.51
N LEU D 17 30.11 28.77 -4.08
CA LEU D 17 28.74 28.78 -3.58
C LEU D 17 28.02 27.44 -3.73
N THR D 18 28.43 26.62 -4.69
CA THR D 18 27.76 25.32 -4.86
C THR D 18 28.54 24.21 -4.20
N HIS D 19 29.64 24.56 -3.52
CA HIS D 19 30.40 23.55 -2.78
C HIS D 19 30.71 24.06 -1.37
N PRO D 20 29.68 24.39 -0.61
CA PRO D 20 29.89 24.92 0.74
C PRO D 20 30.45 23.84 1.65
N HIS D 21 31.25 24.25 2.63
CA HIS D 21 31.74 23.36 3.67
C HIS D 21 32.58 22.22 3.10
N GLU D 22 33.33 22.52 2.05
CA GLU D 22 34.22 21.54 1.45
C GLU D 22 35.58 22.19 1.20
N LEU D 23 36.63 21.52 1.68
CA LEU D 23 37.98 22.02 1.46
C LEU D 23 38.35 21.80 0.00
N ILE D 24 38.64 22.88 -0.71
CA ILE D 24 39.04 22.76 -2.10
C ILE D 24 40.51 23.15 -2.21
N PRO D 25 41.35 22.23 -2.67
CA PRO D 25 42.79 22.50 -2.83
C PRO D 25 43.07 23.54 -3.90
N LEU D 26 44.02 24.42 -3.61
CA LEU D 26 44.40 25.46 -4.53
C LEU D 26 44.75 24.86 -5.89
N THR D 27 45.39 23.70 -5.87
CA THR D 27 45.81 23.02 -7.08
C THR D 27 44.63 22.63 -7.96
N PHE D 28 43.46 22.37 -7.36
CA PHE D 28 42.26 22.11 -8.14
C PHE D 28 41.86 23.30 -9.01
N PHE D 29 41.87 24.50 -8.42
CA PHE D 29 41.55 25.70 -9.18
C PHE D 29 42.61 26.03 -10.21
N SER D 30 43.87 25.84 -9.82
CA SER D 30 44.97 26.15 -10.72
C SER D 30 44.88 25.29 -11.97
N GLU D 31 44.58 24.01 -11.79
CA GLU D 31 44.41 23.10 -12.92
C GLU D 31 43.17 23.44 -13.72
N ARG D 32 42.07 23.75 -13.02
CA ARG D 32 40.81 24.08 -13.68
C ARG D 32 40.93 25.31 -14.58
N TYR D 33 41.58 26.36 -14.08
CA TYR D 33 41.65 27.62 -14.84
C TYR D 33 42.92 27.78 -15.66
N GLU D 34 43.86 26.85 -15.50
CA GLU D 34 45.17 26.91 -16.19
C GLU D 34 45.98 28.15 -15.77
N SER D 35 45.97 28.44 -14.47
CA SER D 35 46.63 29.62 -13.95
C SER D 35 47.44 29.29 -12.71
N ALA D 36 48.41 30.13 -12.40
CA ALA D 36 49.24 29.92 -11.23
C ALA D 36 48.42 30.02 -9.95
N LYS D 37 48.86 29.30 -8.93
CA LYS D 37 48.17 29.29 -7.64
C LYS D 37 48.16 30.69 -7.08
N SER D 38 49.27 31.41 -7.25
CA SER D 38 49.37 32.77 -6.73
C SER D 38 48.37 33.73 -7.40
N SER D 39 48.00 33.43 -8.65
CA SER D 39 46.96 34.17 -9.37
C SER D 39 45.57 33.85 -8.83
N ILE D 40 45.35 32.56 -8.54
CA ILE D 40 44.09 32.17 -7.93
C ILE D 40 43.96 32.85 -6.57
N SER D 41 45.02 32.82 -5.77
CA SER D 41 44.97 33.42 -4.44
C SER D 41 44.56 34.90 -4.44
N GLU D 42 44.96 35.64 -5.46
CA GLU D 42 44.53 37.05 -5.60
C GLU D 42 43.02 37.13 -5.82
N ASP D 43 42.49 36.26 -6.67
CA ASP D 43 41.04 36.12 -6.90
C ASP D 43 40.28 35.77 -5.62
N LEU D 44 40.77 34.77 -4.90
CA LEU D 44 40.13 34.30 -3.66
C LEU D 44 40.05 35.40 -2.59
N THR D 45 41.08 36.23 -2.55
CA THR D 45 41.11 37.40 -1.68
C THR D 45 40.00 38.42 -2.06
N ILE D 46 39.76 38.66 -3.35
CA ILE D 46 38.63 39.52 -3.73
C ILE D 46 37.30 38.87 -3.31
N ILE D 47 37.18 37.57 -3.53
CA ILE D 47 35.91 36.90 -3.22
C ILE D 47 35.65 36.90 -1.72
N LYS D 48 36.69 36.62 -0.95
CA LYS D 48 36.62 36.67 0.50
C LYS D 48 36.15 38.02 1.03
N GLN D 49 36.77 39.11 0.59
CA GLN D 49 36.38 40.42 1.12
C GLN D 49 34.93 40.75 0.72
N THR D 50 34.54 40.37 -0.48
CA THR D 50 33.18 40.63 -0.96
C THR D 50 32.17 39.79 -0.20
N PHE D 51 32.47 38.50 -0.03
CA PHE D 51 31.59 37.60 0.73
C PHE D 51 31.39 38.09 2.16
N GLU D 52 32.45 38.61 2.77
CA GLU D 52 32.38 39.07 4.16
C GLU D 52 31.57 40.38 4.27
N GLN D 53 31.86 41.32 3.38
CA GLN D 53 31.15 42.60 3.36
C GLN D 53 29.66 42.50 2.94
N GLN D 54 29.34 41.57 2.06
CA GLN D 54 27.95 41.43 1.61
C GLN D 54 27.16 40.45 2.47
N GLY D 55 27.81 39.89 3.49
CA GLY D 55 27.13 38.98 4.40
C GLY D 55 26.75 37.66 3.73
N ILE D 56 27.59 37.23 2.81
CA ILE D 56 27.35 35.97 2.10
C ILE D 56 27.90 34.85 2.95
N GLY D 57 29.15 34.99 3.38
CA GLY D 57 29.71 34.02 4.29
C GLY D 57 31.19 34.20 4.43
N THR D 58 31.84 33.17 4.95
CA THR D 58 33.26 33.19 5.23
C THR D 58 34.02 32.30 4.25
N LEU D 59 35.01 32.89 3.59
CA LEU D 59 35.93 32.12 2.77
C LEU D 59 37.19 31.84 3.59
N LEU D 60 37.32 30.60 4.06
CA LEU D 60 38.40 30.21 4.96
C LEU D 60 39.61 29.66 4.20
N THR D 61 40.75 30.27 4.45
CA THR D 61 42.00 29.78 3.91
C THR D 61 42.63 28.77 4.86
N VAL D 62 42.88 27.57 4.37
CA VAL D 62 43.69 26.61 5.10
C VAL D 62 45.10 26.61 4.51
N PRO D 63 46.06 27.12 5.27
CA PRO D 63 47.43 27.27 4.77
C PRO D 63 48.13 25.92 4.63
N GLY D 64 49.25 25.91 3.90
CA GLY D 64 50.03 24.71 3.69
C GLY D 64 50.01 24.28 2.25
N ALA D 65 51.03 23.52 1.85
CA ALA D 65 51.13 22.98 0.51
C ALA D 65 49.92 22.11 0.13
N ALA D 66 49.32 21.43 1.11
CA ALA D 66 48.15 20.59 0.83
C ALA D 66 46.82 21.28 1.17
N GLY D 67 46.86 22.59 1.35
CA GLY D 67 45.66 23.31 1.75
C GLY D 67 44.90 23.95 0.61
N GLY D 68 43.96 24.81 0.97
CA GLY D 68 43.17 25.51 -0.03
C GLY D 68 42.16 26.39 0.68
N VAL D 69 40.95 26.41 0.15
CA VAL D 69 39.93 27.25 0.73
C VAL D 69 38.66 26.47 1.01
N LYS D 70 37.85 27.01 1.91
CA LYS D 70 36.56 26.41 2.20
C LYS D 70 35.53 27.51 2.40
N TYR D 71 34.43 27.44 1.65
CA TYR D 71 33.40 28.47 1.80
C TYR D 71 32.42 28.04 2.88
N ILE D 72 32.23 28.93 3.86
CA ILE D 72 31.29 28.67 4.97
C ILE D 72 30.15 29.68 4.95
N PRO D 73 28.95 29.23 4.62
CA PRO D 73 27.78 30.12 4.62
C PRO D 73 27.55 30.68 6.03
N LYS D 74 27.37 31.98 6.12
CA LYS D 74 27.13 32.66 7.38
C LYS D 74 26.14 33.79 7.14
N MET D 75 25.27 34.03 8.11
CA MET D 75 24.35 35.13 8.06
C MET D 75 24.69 36.10 9.18
N LYS D 76 24.90 37.36 8.84
CA LYS D 76 25.18 38.40 9.85
C LYS D 76 24.02 38.53 10.81
N GLN D 77 24.30 38.82 12.07
CA GLN D 77 23.27 38.98 13.09
C GLN D 77 22.19 39.98 12.68
N ALA D 78 22.59 41.12 12.13
CA ALA D 78 21.63 42.15 11.75
C ALA D 78 20.64 41.70 10.69
N GLU D 79 21.09 40.88 9.74
CA GLU D 79 20.19 40.27 8.77
C GLU D 79 19.28 39.19 9.37
N ALA D 80 19.82 38.39 10.28
CA ALA D 80 19.00 37.34 10.94
C ALA D 80 17.83 37.99 11.70
N GLU D 81 18.15 39.00 12.49
CA GLU D 81 17.16 39.73 13.28
C GLU D 81 16.06 40.32 12.39
N GLU D 82 16.47 41.00 11.32
CA GLU D 82 15.50 41.57 10.39
C GLU D 82 14.67 40.48 9.72
N PHE D 83 15.31 39.37 9.36
CA PHE D 83 14.58 38.30 8.68
C PHE D 83 13.55 37.67 9.63
N VAL D 84 13.96 37.43 10.87
CA VAL D 84 13.06 36.82 11.85
C VAL D 84 11.91 37.75 12.21
N GLN D 85 12.22 39.03 12.36
CA GLN D 85 11.18 40.03 12.60
C GLN D 85 10.11 39.97 11.52
N THR D 86 10.53 40.06 10.26
CA THR D 86 9.62 40.03 9.14
C THR D 86 8.86 38.70 9.08
N LEU D 87 9.57 37.61 9.32
CA LEU D 87 8.93 36.31 9.38
C LEU D 87 7.85 36.31 10.47
N GLY D 88 8.21 36.83 11.63
CA GLY D 88 7.28 36.86 12.75
C GLY D 88 6.03 37.64 12.45
N GLN D 89 6.19 38.74 11.72
CA GLN D 89 5.08 39.62 11.38
C GLN D 89 4.13 38.94 10.41
N SER D 90 4.67 38.05 9.57
CA SER D 90 3.87 37.33 8.60
C SER D 90 3.04 36.23 9.26
N LEU D 91 3.54 35.67 10.35
CA LEU D 91 2.86 34.56 11.02
C LEU D 91 1.91 35.03 12.12
N ALA D 92 2.07 36.29 12.53
CA ALA D 92 1.22 36.87 13.56
C ALA D 92 -0.03 37.49 12.95
N ASN D 93 -0.69 36.74 12.08
CA ASN D 93 -1.93 37.17 11.45
C ASN D 93 -3.08 36.22 11.81
N PRO D 94 -4.23 36.80 12.15
CA PRO D 94 -5.40 36.02 12.59
C PRO D 94 -5.79 34.90 11.63
N GLU D 95 -5.74 35.17 10.33
CA GLU D 95 -6.20 34.22 9.32
C GLU D 95 -5.56 32.83 9.40
N ARG D 96 -4.37 32.74 10.00
CA ARG D 96 -3.73 31.42 10.12
C ARG D 96 -3.81 30.84 11.53
N ILE D 97 -4.89 31.15 12.24
CA ILE D 97 -5.17 30.59 13.55
C ILE D 97 -5.78 29.21 13.39
N LEU D 98 -5.19 28.22 14.07
CA LEU D 98 -5.73 26.87 14.06
C LEU D 98 -5.96 26.38 15.48
N PRO D 99 -6.97 25.53 15.68
CA PRO D 99 -7.36 25.07 17.02
C PRO D 99 -6.25 24.33 17.75
N GLY D 100 -6.31 24.33 19.08
CA GLY D 100 -5.36 23.61 19.90
C GLY D 100 -4.05 24.34 20.10
N GLY D 101 -3.99 25.59 19.68
CA GLY D 101 -2.77 26.38 19.79
C GLY D 101 -1.77 26.09 18.69
N TYR D 102 -2.26 26.05 17.45
CA TYR D 102 -1.43 25.81 16.27
C TYR D 102 -1.58 26.98 15.29
N VAL D 103 -0.52 27.24 14.53
CA VAL D 103 -0.52 28.22 13.46
C VAL D 103 -0.52 27.50 12.12
N TYR D 104 -1.05 28.15 11.08
CA TYR D 104 -0.93 27.64 9.73
C TYR D 104 0.42 28.02 9.18
N LEU D 105 1.30 27.05 9.02
CA LEU D 105 2.64 27.29 8.51
C LEU D 105 2.88 26.67 7.14
N THR D 106 1.86 25.98 6.61
CA THR D 106 2.05 25.15 5.42
C THR D 106 2.60 25.91 4.20
N ASP D 107 2.06 27.11 3.96
CA ASP D 107 2.56 27.94 2.86
C ASP D 107 3.99 28.41 3.06
N ILE D 108 4.34 28.79 4.29
CA ILE D 108 5.70 29.23 4.62
C ILE D 108 6.68 28.06 4.53
N LEU D 109 6.23 26.89 4.92
CA LEU D 109 7.10 25.72 4.91
C LEU D 109 7.34 25.18 3.49
N GLY D 110 6.74 25.83 2.50
CA GLY D 110 6.90 25.41 1.11
C GLY D 110 7.47 26.46 0.16
N LYS D 111 7.88 27.62 0.68
CA LYS D 111 8.37 28.74 -0.12
C LYS D 111 9.90 28.77 -0.12
N PRO D 112 10.55 28.40 -1.22
CA PRO D 112 12.01 28.52 -1.36
C PRO D 112 12.64 29.82 -0.85
N SER D 113 12.03 30.96 -1.11
CA SER D 113 12.63 32.21 -0.66
C SER D 113 12.65 32.26 0.86
N VAL D 114 11.64 31.65 1.50
CA VAL D 114 11.63 31.59 2.97
C VAL D 114 12.55 30.50 3.50
N LEU D 115 12.46 29.31 2.91
CA LEU D 115 13.26 28.18 3.35
C LEU D 115 14.76 28.38 3.17
N SER D 116 15.14 29.01 2.07
CA SER D 116 16.54 29.33 1.82
C SER D 116 17.16 30.10 2.98
N LYS D 117 16.50 31.19 3.40
CA LYS D 117 16.97 32.04 4.49
C LYS D 117 16.96 31.37 5.86
N VAL D 118 15.90 30.63 6.17
CA VAL D 118 15.84 29.90 7.43
C VAL D 118 16.89 28.80 7.47
N GLY D 119 17.03 28.06 6.37
CA GLY D 119 18.07 27.05 6.27
C GLY D 119 19.46 27.63 6.43
N LYS D 120 19.68 28.79 5.82
CA LYS D 120 20.97 29.46 5.92
C LYS D 120 21.22 29.91 7.35
N LEU D 121 20.17 30.35 8.04
CA LEU D 121 20.27 30.80 9.42
C LEU D 121 20.70 29.63 10.34
N PHE D 122 20.05 28.48 10.17
CA PHE D 122 20.41 27.26 10.89
C PHE D 122 21.88 26.85 10.59
N ALA D 123 22.23 26.78 9.32
CA ALA D 123 23.58 26.42 8.91
C ALA D 123 24.64 27.40 9.43
N SER D 124 24.29 28.67 9.51
CA SER D 124 25.24 29.68 10.02
C SER D 124 25.48 29.53 11.52
N VAL D 125 24.40 29.30 12.26
CA VAL D 125 24.49 29.12 13.70
C VAL D 125 25.29 27.86 14.04
N PHE D 126 25.05 26.79 13.30
CA PHE D 126 25.63 25.50 13.62
C PHE D 126 26.83 25.19 12.74
N ALA D 127 27.37 26.22 12.07
CA ALA D 127 28.45 26.07 11.11
C ALA D 127 29.68 25.42 11.68
N GLU D 128 29.95 25.71 12.95
CA GLU D 128 31.19 25.31 13.57
C GLU D 128 31.04 23.99 14.34
N ARG D 129 29.83 23.44 14.36
CA ARG D 129 29.59 22.15 14.99
C ARG D 129 29.96 21.00 14.07
N GLU D 130 30.36 19.88 14.65
CA GLU D 130 30.65 18.70 13.86
C GLU D 130 29.29 18.09 13.55
N ILE D 131 28.96 18.01 12.27
CA ILE D 131 27.64 17.57 11.86
C ILE D 131 27.81 16.62 10.72
N ASP D 132 27.27 15.42 10.87
CA ASP D 132 27.31 14.41 9.80
C ASP D 132 26.03 14.42 9.01
N VAL D 133 24.92 14.72 9.68
CA VAL D 133 23.61 14.60 9.07
C VAL D 133 22.61 15.53 9.73
N VAL D 134 21.63 15.94 8.94
CA VAL D 134 20.49 16.65 9.47
C VAL D 134 19.34 15.66 9.58
N MET D 135 18.62 15.69 10.70
CA MET D 135 17.50 14.77 10.92
C MET D 135 16.20 15.49 11.16
N THR D 136 15.13 14.94 10.59
CA THR D 136 13.80 15.45 10.87
C THR D 136 12.76 14.33 10.79
N VAL D 137 11.57 14.60 11.34
CA VAL D 137 10.45 13.68 11.25
C VAL D 137 9.48 14.17 10.17
N ALA D 138 8.99 13.27 9.32
CA ALA D 138 8.00 13.63 8.31
C ALA D 138 6.80 14.30 9.01
N THR D 139 6.09 15.20 8.35
CA THR D 139 6.19 15.46 6.91
C THR D 139 6.50 16.93 6.62
N LYS D 140 5.88 17.81 7.39
CA LYS D 140 5.93 19.26 7.11
C LYS D 140 7.34 19.87 7.10
N GLY D 141 8.19 19.43 8.02
CA GLY D 141 9.50 20.03 8.19
C GLY D 141 10.59 19.49 7.26
N ILE D 142 10.23 18.59 6.35
CA ILE D 142 11.25 18.02 5.47
C ILE D 142 12.00 19.06 4.61
N PRO D 143 11.29 19.92 3.88
CA PRO D 143 11.96 20.94 3.06
C PRO D 143 12.89 21.84 3.89
N LEU D 144 12.42 22.22 5.07
CA LEU D 144 13.23 22.97 6.02
C LEU D 144 14.52 22.22 6.34
N ALA D 145 14.42 20.91 6.51
CA ALA D 145 15.60 20.13 6.85
C ALA D 145 16.57 20.04 5.67
N TYR D 146 16.05 19.88 4.45
CA TYR D 146 16.93 19.86 3.29
C TYR D 146 17.60 21.19 3.01
N ALA D 147 16.91 22.29 3.25
CA ALA D 147 17.52 23.62 3.05
C ALA D 147 18.76 23.78 3.95
N ALA D 148 18.59 23.52 5.25
CA ALA D 148 19.70 23.59 6.20
C ALA D 148 20.82 22.63 5.81
N ALA D 149 20.45 21.40 5.44
CA ALA D 149 21.43 20.40 5.04
C ALA D 149 22.18 20.82 3.78
N SER D 150 21.53 21.54 2.87
CA SER D 150 22.20 21.92 1.63
C SER D 150 23.30 22.95 1.89
N TYR D 151 23.11 23.86 2.84
CA TYR D 151 24.18 24.82 3.18
C TYR D 151 25.30 24.16 3.95
N LEU D 152 24.96 23.12 4.69
CA LEU D 152 25.93 22.42 5.54
C LEU D 152 26.65 21.33 4.76
N ASN D 153 26.12 20.97 3.59
CA ASN D 153 26.65 19.88 2.78
C ASN D 153 26.69 18.55 3.49
N VAL D 154 25.54 18.14 4.05
CA VAL D 154 25.40 16.85 4.70
C VAL D 154 24.08 16.26 4.21
N PRO D 155 23.95 14.95 4.30
CA PRO D 155 22.67 14.29 3.97
C PRO D 155 21.57 14.59 4.97
N VAL D 156 20.35 14.42 4.51
CA VAL D 156 19.19 14.53 5.37
C VAL D 156 18.67 13.14 5.63
N VAL D 157 18.24 12.89 6.86
CA VAL D 157 17.72 11.60 7.29
C VAL D 157 16.30 11.84 7.77
N ILE D 158 15.36 11.08 7.23
CA ILE D 158 13.96 11.34 7.51
C ILE D 158 13.41 10.21 8.35
N VAL D 159 12.94 10.55 9.55
CA VAL D 159 12.35 9.57 10.47
C VAL D 159 10.89 9.39 10.12
N ARG D 160 10.44 8.13 10.03
CA ARG D 160 9.05 7.83 9.66
C ARG D 160 8.15 7.65 10.86
N LYS D 161 6.91 8.10 10.75
CA LYS D 161 5.90 7.81 11.78
C LYS D 161 4.90 6.77 11.28
N ASP D 162 5.15 6.24 10.09
CA ASP D 162 4.30 5.21 9.48
C ASP D 162 3.06 5.83 8.84
N GLU D 167 10.74 -5.41 13.17
CA GLU D 167 11.42 -5.78 11.93
C GLU D 167 12.87 -6.19 12.16
N GLY D 168 13.48 -5.67 13.22
CA GLY D 168 14.88 -5.99 13.53
C GLY D 168 15.83 -4.97 12.92
N SER D 169 15.88 -4.96 11.59
CA SER D 169 16.69 -4.00 10.84
C SER D 169 16.11 -2.58 10.90
N THR D 170 14.98 -2.43 11.61
CA THR D 170 14.40 -1.11 11.81
C THR D 170 14.31 -0.80 13.29
N VAL D 171 14.63 0.44 13.65
CA VAL D 171 14.58 0.85 15.04
C VAL D 171 13.37 1.73 15.28
N SER D 172 12.56 1.35 16.26
CA SER D 172 11.31 2.04 16.57
C SER D 172 11.27 2.55 18.00
N ILE D 173 10.62 3.69 18.18
CA ILE D 173 10.56 4.41 19.43
C ILE D 173 9.14 4.91 19.59
N ASN D 174 8.56 4.71 20.77
CA ASN D 174 7.24 5.26 21.07
C ASN D 174 7.37 6.64 21.69
N TYR D 175 6.41 7.51 21.46
CA TYR D 175 6.47 8.88 21.97
C TYR D 175 5.08 9.50 21.91
N VAL D 176 4.92 10.68 22.51
CA VAL D 176 3.63 11.39 22.47
C VAL D 176 3.76 12.81 21.90
N SER D 177 3.05 13.07 20.82
CA SER D 177 3.04 14.40 20.21
C SER D 177 2.07 15.35 20.93
N GLY D 178 2.29 16.66 20.76
CA GLY D 178 1.43 17.66 21.39
C GLY D 178 0.14 17.86 20.62
N SER D 179 -0.08 17.01 19.63
CA SER D 179 -1.30 17.01 18.84
C SER D 179 -2.27 15.94 19.36
N SER D 180 -1.86 15.23 20.41
CA SER D 180 -2.67 14.17 21.00
C SER D 180 -2.07 13.67 22.30
N ASN D 181 -2.68 12.63 22.85
CA ASN D 181 -2.12 11.91 23.99
C ASN D 181 -2.04 10.43 23.66
N ARG D 182 -2.39 10.11 22.41
CA ARG D 182 -2.23 8.77 21.88
C ARG D 182 -0.76 8.52 21.56
N ILE D 183 -0.29 7.30 21.86
CA ILE D 183 1.09 6.92 21.59
C ILE D 183 1.34 6.80 20.09
N GLN D 184 2.36 7.50 19.60
CA GLN D 184 2.78 7.35 18.21
C GLN D 184 4.15 6.70 18.17
N THR D 185 4.50 6.11 17.03
CA THR D 185 5.79 5.47 16.86
C THR D 185 6.57 6.08 15.71
N MET D 186 7.83 6.40 15.95
CA MET D 186 8.71 6.85 14.89
C MET D 186 9.77 5.80 14.69
N SER D 187 10.26 5.67 13.46
CA SER D 187 11.18 4.59 13.18
C SER D 187 12.19 5.00 12.14
N LEU D 188 13.31 4.29 12.14
CA LEU D 188 14.36 4.52 11.18
C LEU D 188 15.03 3.18 10.89
N ALA D 189 15.15 2.82 9.62
CA ALA D 189 15.90 1.62 9.27
C ALA D 189 17.36 1.83 9.68
N LYS D 190 18.00 0.78 10.19
CA LYS D 190 19.41 0.88 10.57
C LYS D 190 20.27 1.23 9.36
N ARG D 191 19.87 0.76 8.18
CA ARG D 191 20.65 1.02 6.98
C ARG D 191 20.50 2.47 6.50
N SER D 192 19.67 3.23 7.21
CA SER D 192 19.43 4.63 6.88
C SER D 192 20.33 5.64 7.63
N MET D 193 21.05 5.16 8.66
CA MET D 193 21.94 6.05 9.41
C MET D 193 23.12 5.32 10.07
N LYS D 194 24.32 5.87 9.91
CA LYS D 194 25.52 5.34 10.56
C LYS D 194 25.44 5.50 12.08
N THR D 195 25.87 4.48 12.81
CA THR D 195 26.05 4.60 14.26
C THR D 195 27.14 5.64 14.55
N GLY D 196 27.08 6.28 15.71
CA GLY D 196 28.06 7.29 16.08
C GLY D 196 27.88 8.65 15.39
N SER D 197 26.95 8.75 14.44
CA SER D 197 26.76 10.01 13.68
C SER D 197 26.46 11.21 14.59
N ASN D 198 26.98 12.38 14.20
CA ASN D 198 26.64 13.65 14.84
C ASN D 198 25.46 14.30 14.13
N VAL D 199 24.34 14.44 14.82
CA VAL D 199 23.09 14.75 14.16
C VAL D 199 22.57 16.12 14.53
N LEU D 200 22.26 16.93 13.52
CA LEU D 200 21.53 18.17 13.76
C LEU D 200 20.05 17.89 13.59
N ILE D 201 19.27 18.06 14.65
CA ILE D 201 17.83 17.88 14.59
C ILE D 201 17.18 19.19 14.15
N ILE D 202 16.34 19.12 13.13
CA ILE D 202 15.65 20.31 12.62
C ILE D 202 14.17 20.04 12.64
N ASP D 203 13.40 20.95 13.23
CA ASP D 203 11.95 20.81 13.22
C ASP D 203 11.23 22.14 12.91
N ASP D 204 10.00 22.05 12.41
CA ASP D 204 9.25 23.26 12.06
C ASP D 204 8.59 23.88 13.29
N PHE D 205 7.93 23.05 14.08
CA PHE D 205 7.11 23.52 15.19
C PHE D 205 7.21 22.60 16.40
N MET D 206 7.85 23.08 17.45
CA MET D 206 7.88 22.35 18.70
C MET D 206 6.75 22.82 19.61
N LYS D 207 5.77 21.94 19.85
CA LYS D 207 4.62 22.30 20.67
C LYS D 207 4.83 21.93 22.14
N ALA D 208 5.02 20.65 22.41
CA ALA D 208 5.23 20.18 23.77
C ALA D 208 6.64 19.61 23.95
N GLY D 209 7.16 18.99 22.90
CA GLY D 209 8.53 18.49 22.94
C GLY D 209 8.61 16.98 22.92
N GLY D 210 7.45 16.33 22.82
CA GLY D 210 7.41 14.88 22.74
C GLY D 210 8.05 14.34 21.48
N THR D 211 8.02 15.12 20.40
CA THR D 211 8.53 14.67 19.10
C THR D 211 10.07 14.77 19.00
N ILE D 212 10.64 15.89 19.43
CA ILE D 212 12.08 16.00 19.45
C ILE D 212 12.65 15.00 20.46
N ASN D 213 11.92 14.82 21.56
CA ASN D 213 12.30 13.82 22.55
C ASN D 213 12.32 12.41 21.98
N GLY D 214 11.30 12.06 21.22
CA GLY D 214 11.30 10.80 20.52
C GLY D 214 12.56 10.68 19.66
N MET D 215 12.91 11.75 18.95
CA MET D 215 14.06 11.69 18.05
C MET D 215 15.38 11.48 18.80
N ILE D 216 15.50 12.13 19.95
CA ILE D 216 16.69 11.97 20.78
C ILE D 216 16.72 10.55 21.31
N ASN D 217 15.57 10.06 21.73
CA ASN D 217 15.45 8.68 22.16
C ASN D 217 15.94 7.75 21.06
N LEU D 218 15.47 7.99 19.85
CA LEU D 218 15.83 7.16 18.69
C LEU D 218 17.33 7.22 18.40
N LEU D 219 17.90 8.42 18.47
CA LEU D 219 19.33 8.62 18.25
C LEU D 219 20.18 7.81 19.24
N ASP D 220 19.64 7.62 20.45
CA ASP D 220 20.34 6.89 21.50
C ASP D 220 20.52 5.43 21.11
N GLU D 221 19.55 4.89 20.37
CA GLU D 221 19.64 3.52 19.86
C GLU D 221 20.84 3.32 18.93
N PHE D 222 21.23 4.38 18.23
CA PHE D 222 22.34 4.38 17.28
C PHE D 222 23.62 4.92 17.90
N ASN D 223 23.58 5.18 19.21
CA ASN D 223 24.70 5.84 19.86
C ASN D 223 25.09 7.07 19.05
N ALA D 224 24.08 7.82 18.60
CA ALA D 224 24.34 9.03 17.85
C ALA D 224 24.36 10.19 18.83
N ASN D 225 24.99 11.29 18.42
CA ASN D 225 25.07 12.50 19.25
C ASN D 225 24.22 13.63 18.70
N VAL D 226 23.48 14.29 19.58
CA VAL D 226 22.75 15.47 19.19
C VAL D 226 23.73 16.64 19.10
N ALA D 227 24.11 16.99 17.87
CA ALA D 227 25.07 18.08 17.63
C ALA D 227 24.38 19.43 17.80
N GLY D 228 23.08 19.48 17.56
CA GLY D 228 22.31 20.69 17.78
C GLY D 228 20.85 20.45 17.47
N ILE D 229 20.01 21.38 17.91
CA ILE D 229 18.57 21.30 17.65
C ILE D 229 18.10 22.65 17.17
N GLY D 230 17.52 22.67 15.98
CA GLY D 230 16.97 23.88 15.39
C GLY D 230 15.47 23.77 15.17
N VAL D 231 14.75 24.79 15.62
CA VAL D 231 13.31 24.83 15.56
C VAL D 231 12.86 26.20 15.03
N LEU D 232 11.96 26.21 14.05
CA LEU D 232 11.43 27.45 13.50
C LEU D 232 10.51 28.14 14.51
N VAL D 233 9.51 27.41 15.00
CA VAL D 233 8.54 27.98 15.92
C VAL D 233 8.40 27.11 17.14
N GLU D 234 8.49 27.73 18.32
CA GLU D 234 8.22 27.03 19.56
C GLU D 234 7.02 27.63 20.27
N ALA D 235 6.12 26.77 20.72
CA ALA D 235 5.00 27.20 21.54
C ALA D 235 5.54 27.40 22.94
N GLU D 236 5.24 28.54 23.55
CA GLU D 236 5.63 28.76 24.94
C GLU D 236 4.90 27.75 25.82
N GLY D 237 5.63 27.07 26.70
CA GLY D 237 5.04 26.06 27.56
C GLY D 237 5.46 24.65 27.20
N VAL D 238 6.68 24.50 26.68
CA VAL D 238 7.24 23.17 26.43
C VAL D 238 7.85 22.63 27.72
N ASP D 239 8.06 21.32 27.76
CA ASP D 239 8.88 20.72 28.80
C ASP D 239 10.31 21.21 28.60
N GLU D 240 10.69 22.24 29.36
CA GLU D 240 11.93 22.97 29.11
C GLU D 240 13.18 22.24 29.58
N ARG D 241 13.03 21.39 30.59
CA ARG D 241 14.17 20.61 31.10
C ARG D 241 14.48 19.45 30.16
N LEU D 242 13.57 18.48 30.08
CA LEU D 242 13.73 17.34 29.17
C LEU D 242 13.56 17.80 27.72
N VAL D 243 14.66 18.22 27.10
CA VAL D 243 14.62 18.65 25.70
C VAL D 243 15.96 19.15 25.13
N ASP D 244 17.06 18.95 25.86
CA ASP D 244 18.38 19.40 25.42
C ASP D 244 18.42 20.91 25.13
N GLU D 245 19.60 21.43 24.78
CA GLU D 245 19.70 22.80 24.29
C GLU D 245 19.10 22.86 22.89
N TYR D 246 18.35 23.93 22.60
CA TYR D 246 17.81 24.12 21.26
C TYR D 246 17.74 25.60 20.89
N MET D 247 17.79 25.86 19.60
CA MET D 247 17.58 27.20 19.11
C MET D 247 16.21 27.33 18.47
N SER D 248 15.49 28.37 18.83
CA SER D 248 14.24 28.67 18.17
C SER D 248 14.34 30.04 17.50
N LEU D 249 13.73 30.18 16.33
CA LEU D 249 13.64 31.48 15.68
C LEU D 249 12.50 32.30 16.27
N LEU D 250 11.33 31.69 16.40
CA LEU D 250 10.14 32.40 16.84
C LEU D 250 9.45 31.70 18.01
N THR D 251 8.70 32.48 18.79
CA THR D 251 7.95 31.97 19.94
C THR D 251 6.46 32.29 19.80
N LEU D 252 5.62 31.26 19.78
CA LEU D 252 4.19 31.43 19.59
C LEU D 252 3.48 31.49 20.94
N SER D 253 2.48 32.37 21.05
CA SER D 253 1.87 32.69 22.33
C SER D 253 0.37 32.40 22.49
N THR D 254 -0.44 33.40 22.15
CA THR D 254 -1.73 33.67 22.82
C THR D 254 -2.78 32.58 23.00
N ILE D 255 -3.84 32.96 23.72
CA ILE D 255 -4.89 32.05 24.17
C ILE D 255 -6.28 32.43 23.65
N ASN D 256 -6.74 31.69 22.65
CA ASN D 256 -8.13 31.75 22.21
C ASN D 256 -8.41 30.78 21.06
N MET D 257 -9.61 30.21 21.07
CA MET D 257 -10.03 29.26 20.03
C MET D 257 -9.76 29.84 18.64
N LYS D 258 -10.17 31.08 18.44
CA LYS D 258 -9.95 31.78 17.18
C LYS D 258 -9.91 33.30 17.40
N GLU D 259 -10.89 34.00 16.83
CA GLU D 259 -11.02 35.45 16.96
C GLU D 259 -9.93 36.24 16.22
N LYS D 260 -8.93 36.74 16.95
CA LYS D 260 -7.94 37.65 16.40
C LYS D 260 -6.65 37.73 17.22
N SER D 261 -6.51 36.82 18.19
CA SER D 261 -5.38 36.90 19.11
C SER D 261 -4.25 35.91 18.82
N ILE D 262 -3.14 36.44 18.29
CA ILE D 262 -1.91 35.64 18.11
C ILE D 262 -0.68 36.52 18.29
N GLU D 263 0.10 36.24 19.32
CA GLU D 263 1.32 36.99 19.61
C GLU D 263 2.53 36.15 19.27
N ILE D 264 3.47 36.74 18.54
CA ILE D 264 4.69 36.04 18.20
C ILE D 264 5.90 36.89 18.57
N GLN D 265 6.80 36.31 19.36
CA GLN D 265 8.01 37.01 19.75
C GLN D 265 9.26 36.30 19.20
N ASN D 266 10.37 37.02 19.20
CA ASN D 266 11.68 36.45 18.96
C ASN D 266 11.89 35.20 19.81
N GLY D 267 12.39 34.14 19.19
CA GLY D 267 12.82 32.96 19.92
C GLY D 267 14.13 33.25 20.63
N ASN D 268 14.93 32.21 20.87
CA ASN D 268 16.18 32.39 21.62
C ASN D 268 17.43 32.50 20.72
N PHE D 269 17.24 32.56 19.41
CA PHE D 269 18.36 32.53 18.47
C PHE D 269 19.44 33.58 18.74
N LEU D 270 19.06 34.69 19.36
CA LEU D 270 20.02 35.74 19.68
C LEU D 270 21.18 35.22 20.54
N ARG D 271 20.89 34.29 21.44
CA ARG D 271 21.93 33.70 22.27
C ARG D 271 22.97 32.92 21.47
N PHE D 272 22.66 32.64 20.21
CA PHE D 272 23.54 31.83 19.36
C PHE D 272 24.39 32.68 18.42
N PHE D 273 24.36 34.00 18.60
CA PHE D 273 25.19 34.90 17.81
C PHE D 273 26.24 35.57 18.70
#